data_4IJN
#
_entry.id   4IJN
#
_cell.length_a   55.430
_cell.length_b   81.910
_cell.length_c   95.400
_cell.angle_alpha   90.000
_cell.angle_beta   96.510
_cell.angle_gamma   90.000
#
_symmetry.space_group_name_H-M   'P 1 21 1'
#
loop_
_entity.id
_entity.type
_entity.pdbx_description
1 polymer 'Acetate kinase'
2 non-polymer 'SULFATE ION'
3 non-polymer 'ADENOSINE MONOPHOSPHATE'
4 non-polymer 1,2-ETHANEDIOL
5 water water
#
_entity_poly.entity_id   1
_entity_poly.type   'polypeptide(L)'
_entity_poly.pdbx_seq_one_letter_code
;MAHHHHHHMGTLEAQTQGPGSMVTVLVVNSGSSSLKYAVVRPASGEFLADGIIEEIGSGAVPDHDAALRAAFDELAAAGL
HLEDLDLKAVGHRMVHGGKTFYKPSVVDDELIAKARELSPLAPLHNPPAIKGIEVARKLLPDLPHIAVFDTAFFHDLPAP
ASTYAIDRELAETWHIKRYGFHGTSHEYVSQQAAIFLDRPLESLNQIVLHLGNGASASAVAGGKAVDTSMGLTPMEGLVM
GTRSGDIDPGVIMYLWRTAGMSVDDIESMLNRRSGVLGLGGASDFRKLRELIESGDEHAKLAYDVYIHRLRKYIGAYMAV
LGRTDVISFTAGVGENVPPVRRDALAGLGGLGIEIDDALNSAKSDEPRLISTPDSRVTVLVVPTNEELAIARACVGVV
;
_entity_poly.pdbx_strand_id   A,B
#
loop_
_chem_comp.id
_chem_comp.type
_chem_comp.name
_chem_comp.formula
AMP non-polymer 'ADENOSINE MONOPHOSPHATE' 'C10 H14 N5 O7 P'
EDO non-polymer 1,2-ETHANEDIOL 'C2 H6 O2'
SO4 non-polymer 'SULFATE ION' 'O4 S -2'
#
# COMPACT_ATOMS: atom_id res chain seq x y z
N MET A 22 47.23 -1.85 1.76
CA MET A 22 45.91 -2.25 1.20
C MET A 22 45.10 -0.99 0.80
N VAL A 23 44.38 -1.10 -0.30
CA VAL A 23 43.51 -0.03 -0.84
C VAL A 23 42.50 0.49 0.17
N THR A 24 42.35 1.82 0.21
CA THR A 24 41.52 2.48 1.21
C THR A 24 40.54 3.43 0.51
N VAL A 25 39.31 3.51 1.02
CA VAL A 25 38.28 4.39 0.44
C VAL A 25 37.74 5.25 1.58
N LEU A 26 37.52 6.53 1.33
CA LEU A 26 36.73 7.39 2.23
C LEU A 26 35.27 7.37 1.80
N VAL A 27 34.38 7.10 2.77
CA VAL A 27 32.94 7.03 2.52
C VAL A 27 32.26 8.21 3.20
N VAL A 28 31.44 8.90 2.42
CA VAL A 28 30.65 10.03 2.86
C VAL A 28 29.18 9.72 2.61
N ASN A 29 28.37 9.76 3.66
CA ASN A 29 26.97 9.48 3.59
C ASN A 29 26.26 10.66 4.26
N SER A 30 25.79 11.56 3.41
CA SER A 30 25.32 12.89 3.81
CA SER A 30 25.34 12.90 3.83
C SER A 30 23.83 12.94 3.83
N GLY A 31 23.25 12.99 5.03
CA GLY A 31 21.82 13.06 5.23
C GLY A 31 21.38 14.46 5.61
N SER A 32 20.09 14.60 5.84
CA SER A 32 19.45 15.92 5.99
CA SER A 32 19.48 15.94 5.97
C SER A 32 20.10 16.70 7.12
N SER A 33 20.34 16.05 8.24
CA SER A 33 20.95 16.72 9.38
CA SER A 33 20.97 16.74 9.37
C SER A 33 22.21 16.02 9.92
N SER A 34 22.71 15.04 9.18
CA SER A 34 23.93 14.37 9.65
CA SER A 34 23.86 14.22 9.65
C SER A 34 24.84 13.99 8.51
N LEU A 35 26.10 13.81 8.83
CA LEU A 35 27.06 13.33 7.82
C LEU A 35 27.83 12.20 8.44
N LYS A 36 27.74 10.99 7.87
CA LYS A 36 28.43 9.84 8.38
C LYS A 36 29.65 9.65 7.50
N TYR A 37 30.79 9.36 8.11
CA TYR A 37 32.02 9.18 7.35
C TYR A 37 32.74 7.93 7.84
N ALA A 38 33.48 7.29 6.95
CA ALA A 38 34.33 6.18 7.35
C ALA A 38 35.54 6.09 6.42
N VAL A 39 36.65 5.60 6.94
CA VAL A 39 37.78 5.26 6.09
C VAL A 39 37.89 3.74 6.18
N VAL A 40 37.74 3.07 5.03
CA VAL A 40 37.48 1.64 4.98
C VAL A 40 38.47 0.97 4.02
N ARG A 41 38.95 -0.22 4.40
CA ARG A 41 39.65 -1.07 3.44
C ARG A 41 38.68 -2.11 2.88
N PRO A 42 38.26 -1.96 1.60
CA PRO A 42 37.16 -2.82 1.15
C PRO A 42 37.49 -4.32 1.11
N ALA A 43 38.76 -4.69 0.94
CA ALA A 43 39.10 -6.13 0.84
C ALA A 43 38.88 -6.83 2.18
N SER A 44 39.60 -6.40 3.21
CA SER A 44 39.43 -6.92 4.58
C SER A 44 38.13 -6.48 5.27
N GLY A 45 37.58 -5.35 4.87
CA GLY A 45 36.48 -4.76 5.58
C GLY A 45 36.90 -3.98 6.82
N GLU A 46 38.22 -3.82 7.04
CA GLU A 46 38.71 -3.03 8.19
C GLU A 46 38.31 -1.55 8.07
N PHE A 47 37.79 -1.01 9.17
CA PHE A 47 37.58 0.41 9.33
C PHE A 47 38.75 1.03 10.03
N LEU A 48 39.35 2.04 9.41
CA LEU A 48 40.45 2.79 10.01
C LEU A 48 39.90 3.93 10.88
N ALA A 49 38.71 4.41 10.53
CA ALA A 49 38.04 5.46 11.30
C ALA A 49 36.57 5.48 10.90
N ASP A 50 35.73 6.04 11.75
CA ASP A 50 34.34 6.18 11.45
C ASP A 50 33.80 7.24 12.39
N GLY A 51 32.77 7.93 11.95
CA GLY A 51 32.16 8.94 12.79
C GLY A 51 30.93 9.54 12.18
N ILE A 52 30.29 10.42 12.92
CA ILE A 52 29.12 11.11 12.42
C ILE A 52 29.11 12.53 12.93
N ILE A 53 28.85 13.47 12.02
CA ILE A 53 28.61 14.87 12.38
C ILE A 53 27.13 15.09 12.42
N GLU A 54 26.62 15.59 13.55
CA GLU A 54 25.17 15.67 13.73
C GLU A 54 24.70 17.09 13.90
N GLU A 55 23.40 17.27 13.88
CA GLU A 55 22.80 18.61 14.08
C GLU A 55 23.24 19.64 13.06
N ILE A 56 23.49 19.17 11.83
CA ILE A 56 23.85 20.06 10.76
C ILE A 56 22.70 21.00 10.45
N GLY A 57 23.02 22.28 10.29
CA GLY A 57 22.00 23.27 9.89
C GLY A 57 22.06 24.54 10.67
N SER A 58 22.81 24.55 11.77
CA SER A 58 22.91 25.79 12.58
C SER A 58 24.15 25.71 13.43
N GLY A 59 24.47 26.80 14.12
CA GLY A 59 25.57 26.80 15.08
C GLY A 59 26.92 26.60 14.44
N ALA A 60 27.75 25.74 15.03
CA ALA A 60 29.11 25.54 14.50
C ALA A 60 29.09 24.79 13.16
N VAL A 61 28.01 24.08 12.86
CA VAL A 61 27.95 23.28 11.62
CA VAL A 61 27.93 23.28 11.62
C VAL A 61 26.73 23.72 10.80
N PRO A 62 26.83 24.92 10.19
CA PRO A 62 25.68 25.48 9.51
C PRO A 62 25.21 24.74 8.27
N ASP A 63 26.12 23.98 7.66
CA ASP A 63 25.86 23.29 6.41
C ASP A 63 26.76 22.09 6.25
N HIS A 64 26.59 21.35 5.15
CA HIS A 64 27.33 20.13 4.95
C HIS A 64 28.79 20.38 4.60
N ASP A 65 29.10 21.55 4.03
CA ASP A 65 30.49 21.95 3.82
C ASP A 65 31.24 22.00 5.17
N ALA A 66 30.62 22.67 6.12
CA ALA A 66 31.19 22.75 7.45
C ALA A 66 31.26 21.36 8.11
N ALA A 67 30.22 20.57 7.87
CA ALA A 67 30.17 19.22 8.42
C ALA A 67 31.34 18.33 7.94
N LEU A 68 31.65 18.34 6.64
CA LEU A 68 32.73 17.48 6.18
C LEU A 68 34.07 17.98 6.68
N ARG A 69 34.23 19.29 6.75
CA ARG A 69 35.46 19.89 7.32
C ARG A 69 35.63 19.44 8.79
N ALA A 70 34.52 19.39 9.51
CA ALA A 70 34.52 18.92 10.89
C ALA A 70 34.86 17.45 11.00
N ALA A 71 34.33 16.64 10.10
CA ALA A 71 34.74 15.26 9.97
C ALA A 71 36.29 15.16 9.79
N PHE A 72 36.85 16.01 8.94
CA PHE A 72 38.29 15.97 8.68
C PHE A 72 39.03 16.36 9.96
N ASP A 73 38.54 17.37 10.68
CA ASP A 73 39.10 17.72 12.01
C ASP A 73 39.10 16.54 12.98
N GLU A 74 38.01 15.77 13.03
CA GLU A 74 37.92 14.57 13.84
C GLU A 74 38.93 13.49 13.44
N LEU A 75 39.13 13.31 12.14
CA LEU A 75 40.09 12.32 11.65
C LEU A 75 41.48 12.71 12.14
N ALA A 76 41.82 13.99 11.98
CA ALA A 76 43.11 14.52 12.45
C ALA A 76 43.25 14.36 13.95
N ALA A 77 42.21 14.74 14.70
CA ALA A 77 42.21 14.60 16.16
C ALA A 77 42.43 13.13 16.59
N ALA A 78 41.97 12.19 15.78
CA ALA A 78 42.14 10.77 16.08
C ALA A 78 43.48 10.21 15.57
N GLY A 79 44.31 11.08 14.99
CA GLY A 79 45.62 10.70 14.50
C GLY A 79 45.64 10.15 13.09
N LEU A 80 44.55 10.38 12.34
CA LEU A 80 44.48 9.93 10.95
C LEU A 80 44.83 11.04 9.99
N HIS A 81 45.71 10.73 9.06
CA HIS A 81 46.14 11.68 8.06
C HIS A 81 45.88 11.04 6.71
N LEU A 82 44.93 11.60 5.97
CA LEU A 82 44.47 10.94 4.74
C LEU A 82 45.59 10.87 3.70
N GLU A 83 46.45 11.89 3.71
CA GLU A 83 47.58 11.94 2.77
C GLU A 83 48.58 10.80 2.96
N ASP A 84 48.56 10.15 4.12
CA ASP A 84 49.41 8.97 4.37
C ASP A 84 48.79 7.66 3.90
N LEU A 85 47.54 7.72 3.46
CA LEU A 85 46.82 6.51 3.10
C LEU A 85 46.80 6.34 1.61
N ASP A 86 46.69 5.09 1.18
CA ASP A 86 46.58 4.78 -0.24
C ASP A 86 45.11 4.97 -0.59
N LEU A 87 44.60 6.20 -0.42
CA LEU A 87 43.18 6.49 -0.72
C LEU A 87 42.95 6.44 -2.22
N LYS A 88 42.06 5.56 -2.65
CA LYS A 88 41.82 5.33 -4.07
C LYS A 88 40.60 6.04 -4.57
N ALA A 89 39.70 6.44 -3.67
CA ALA A 89 38.43 7.02 -4.05
C ALA A 89 37.70 7.52 -2.82
N VAL A 90 36.70 8.34 -3.08
CA VAL A 90 35.74 8.79 -2.11
C VAL A 90 34.40 8.34 -2.61
N GLY A 91 33.69 7.56 -1.81
CA GLY A 91 32.38 7.07 -2.18
C GLY A 91 31.31 7.89 -1.48
N HIS A 92 30.21 8.18 -2.19
CA HIS A 92 29.08 8.97 -1.69
C HIS A 92 27.79 8.20 -1.90
N ARG A 93 26.95 8.20 -0.89
CA ARG A 93 25.57 7.69 -1.11
C ARG A 93 24.72 8.69 -1.89
N MET A 94 24.12 8.27 -3.01
CA MET A 94 23.15 9.08 -3.71
C MET A 94 21.86 8.28 -3.80
N VAL A 95 20.78 8.86 -3.33
CA VAL A 95 19.53 8.12 -3.29
C VAL A 95 18.87 7.95 -4.67
N HIS A 96 18.75 9.02 -5.43
CA HIS A 96 18.07 9.02 -6.71
C HIS A 96 18.96 9.52 -7.86
N GLY A 97 19.10 8.68 -8.87
CA GLY A 97 19.71 9.08 -10.11
C GLY A 97 18.83 8.93 -11.33
N GLY A 98 17.55 8.69 -11.09
CA GLY A 98 16.61 8.48 -12.17
C GLY A 98 17.00 7.38 -13.12
N LYS A 99 16.66 7.56 -14.39
CA LYS A 99 16.89 6.54 -15.41
C LYS A 99 18.35 6.45 -15.80
N THR A 100 19.04 7.60 -15.76
CA THR A 100 20.37 7.72 -16.34
C THR A 100 21.51 7.18 -15.49
N PHE A 101 21.44 7.43 -14.18
CA PHE A 101 22.50 7.03 -13.28
C PHE A 101 21.97 6.07 -12.23
N TYR A 102 22.39 4.82 -12.32
CA TYR A 102 22.10 3.85 -11.25
C TYR A 102 23.29 2.99 -10.88
N LYS A 103 24.14 2.67 -11.85
CA LYS A 103 25.34 1.92 -11.54
C LYS A 103 26.28 2.82 -10.74
N PRO A 104 27.23 2.24 -9.99
CA PRO A 104 28.24 3.13 -9.37
C PRO A 104 28.95 3.92 -10.43
N SER A 105 29.01 5.23 -10.24
CA SER A 105 29.37 6.17 -11.29
C SER A 105 30.38 7.18 -10.80
N VAL A 106 31.39 7.44 -11.62
CA VAL A 106 32.30 8.55 -11.32
C VAL A 106 31.53 9.85 -11.41
N VAL A 107 31.65 10.69 -10.38
CA VAL A 107 30.93 11.95 -10.34
C VAL A 107 31.52 12.94 -11.34
N ASP A 108 30.66 13.57 -12.12
CA ASP A 108 31.01 14.70 -12.98
C ASP A 108 29.85 15.68 -12.93
N ASP A 109 29.95 16.81 -13.63
CA ASP A 109 28.89 17.82 -13.59
C ASP A 109 27.54 17.31 -14.10
N GLU A 110 27.57 16.45 -15.12
CA GLU A 110 26.34 15.87 -15.64
C GLU A 110 25.58 15.13 -14.53
N LEU A 111 26.27 14.27 -13.80
CA LEU A 111 25.67 13.50 -12.73
C LEU A 111 25.15 14.43 -11.64
N ILE A 112 25.93 15.43 -11.26
CA ILE A 112 25.45 16.37 -10.23
C ILE A 112 24.20 17.11 -10.72
N ALA A 113 24.22 17.53 -11.97
CA ALA A 113 23.07 18.25 -12.48
C ALA A 113 21.80 17.37 -12.49
N LYS A 114 21.95 16.10 -12.88
CA LYS A 114 20.84 15.16 -12.82
C LYS A 114 20.34 14.96 -11.38
N ALA A 115 21.27 14.78 -10.45
CA ALA A 115 20.89 14.56 -9.04
C ALA A 115 20.16 15.78 -8.51
N ARG A 116 20.58 16.96 -8.93
CA ARG A 116 19.94 18.21 -8.53
C ARG A 116 18.52 18.29 -9.11
N GLU A 117 18.39 17.90 -10.37
CA GLU A 117 17.07 17.93 -11.05
C GLU A 117 16.08 17.02 -10.32
N LEU A 118 16.58 15.86 -9.88
CA LEU A 118 15.78 14.86 -9.19
C LEU A 118 15.62 15.12 -7.69
N SER A 119 16.22 16.19 -7.14
CA SER A 119 16.23 16.36 -5.70
C SER A 119 14.83 16.39 -5.06
N PRO A 120 13.83 16.98 -5.74
CA PRO A 120 12.49 16.99 -5.13
C PRO A 120 11.87 15.60 -5.01
N LEU A 121 12.39 14.59 -5.73
CA LEU A 121 11.93 13.20 -5.53
C LEU A 121 12.54 12.57 -4.26
N ALA A 122 13.63 13.13 -3.74
CA ALA A 122 14.31 12.59 -2.58
C ALA A 122 14.86 13.78 -1.78
N PRO A 123 13.96 14.63 -1.29
CA PRO A 123 14.34 15.92 -0.70
C PRO A 123 15.15 15.81 0.59
N LEU A 124 15.04 14.68 1.29
CA LEU A 124 15.80 14.43 2.51
C LEU A 124 17.19 13.91 2.24
N HIS A 125 17.50 13.57 0.99
CA HIS A 125 18.68 12.79 0.71
C HIS A 125 19.51 13.33 -0.45
N ASN A 126 18.88 13.65 -1.57
CA ASN A 126 19.65 14.13 -2.74
C ASN A 126 20.35 15.47 -2.48
N PRO A 127 19.62 16.43 -1.89
CA PRO A 127 20.34 17.70 -1.66
C PRO A 127 21.55 17.63 -0.70
N PRO A 128 21.41 16.96 0.44
CA PRO A 128 22.60 16.90 1.30
C PRO A 128 23.72 16.08 0.70
N ALA A 129 23.38 15.07 -0.08
CA ALA A 129 24.43 14.28 -0.72
C ALA A 129 25.21 15.08 -1.80
N ILE A 130 24.50 15.89 -2.56
CA ILE A 130 25.12 16.80 -3.52
C ILE A 130 26.02 17.77 -2.78
N LYS A 131 25.53 18.35 -1.69
CA LYS A 131 26.36 19.26 -0.92
C LYS A 131 27.60 18.57 -0.37
N GLY A 132 27.48 17.31 0.06
CA GLY A 132 28.63 16.54 0.49
C GLY A 132 29.63 16.29 -0.64
N ILE A 133 29.14 16.04 -1.84
CA ILE A 133 30.04 15.89 -2.98
C ILE A 133 30.76 17.19 -3.22
N GLU A 134 30.03 18.28 -3.14
CA GLU A 134 30.60 19.59 -3.47
C GLU A 134 31.76 19.93 -2.55
N VAL A 135 31.58 19.73 -1.26
CA VAL A 135 32.70 19.99 -0.34
C VAL A 135 33.80 18.96 -0.49
N ALA A 136 33.43 17.69 -0.64
CA ALA A 136 34.45 16.64 -0.81
C ALA A 136 35.38 16.87 -1.99
N ARG A 137 34.83 17.35 -3.08
CA ARG A 137 35.65 17.63 -4.26
C ARG A 137 36.58 18.83 -4.01
N LYS A 138 36.18 19.79 -3.18
CA LYS A 138 37.10 20.87 -2.79
C LYS A 138 38.23 20.38 -1.89
N LEU A 139 37.90 19.52 -0.94
CA LEU A 139 38.89 18.99 0.00
C LEU A 139 39.82 17.94 -0.62
N LEU A 140 39.27 17.15 -1.55
CA LEU A 140 39.97 16.06 -2.19
C LEU A 140 39.79 16.13 -3.72
N PRO A 141 40.41 17.14 -4.36
CA PRO A 141 40.27 17.38 -5.79
C PRO A 141 40.90 16.30 -6.68
N ASP A 142 41.90 15.58 -6.19
CA ASP A 142 42.69 14.71 -7.08
C ASP A 142 42.31 13.23 -6.98
N LEU A 143 41.18 12.94 -6.33
CA LEU A 143 40.70 11.58 -6.18
C LEU A 143 39.40 11.46 -6.98
N PRO A 144 39.08 10.27 -7.47
CA PRO A 144 37.77 10.06 -8.07
C PRO A 144 36.73 10.04 -6.98
N HIS A 145 35.63 10.74 -7.22
CA HIS A 145 34.45 10.69 -6.33
C HIS A 145 33.43 9.85 -7.05
N ILE A 146 32.88 8.86 -6.34
CA ILE A 146 31.97 7.90 -6.90
C ILE A 146 30.64 7.97 -6.19
N ALA A 147 29.57 8.05 -6.98
CA ALA A 147 28.20 7.93 -6.48
C ALA A 147 27.72 6.49 -6.51
N VAL A 148 27.16 6.03 -5.40
CA VAL A 148 26.61 4.69 -5.28
C VAL A 148 25.14 4.91 -4.97
N PHE A 149 24.29 4.32 -5.80
CA PHE A 149 22.87 4.65 -5.86
C PHE A 149 21.98 3.65 -5.16
N ASP A 150 20.98 4.16 -4.43
CA ASP A 150 20.04 3.32 -3.71
C ASP A 150 19.16 2.49 -4.64
N THR A 151 19.05 2.93 -5.90
CA THR A 151 18.11 2.35 -6.85
C THR A 151 18.69 1.18 -7.64
N ALA A 152 20.00 1.02 -7.63
CA ALA A 152 20.67 0.05 -8.55
C ALA A 152 20.14 -1.38 -8.45
N PHE A 153 19.97 -1.85 -7.21
CA PHE A 153 19.59 -3.25 -6.97
C PHE A 153 18.21 -3.54 -7.57
N PHE A 154 17.42 -2.48 -7.73
CA PHE A 154 16.03 -2.58 -8.21
C PHE A 154 15.83 -2.20 -9.67
N HIS A 155 16.92 -1.97 -10.40
CA HIS A 155 16.82 -1.52 -11.78
C HIS A 155 15.99 -2.45 -12.68
N ASP A 156 16.12 -3.73 -12.43
CA ASP A 156 15.47 -4.77 -13.23
C ASP A 156 14.26 -5.42 -12.54
N LEU A 157 13.61 -4.69 -11.64
CA LEU A 157 12.33 -5.18 -11.10
C LEU A 157 11.41 -5.61 -12.26
N PRO A 158 10.64 -6.70 -12.06
CA PRO A 158 9.66 -7.10 -13.07
C PRO A 158 8.66 -5.98 -13.31
N ALA A 159 8.27 -5.78 -14.56
CA ALA A 159 7.31 -4.71 -14.87
C ALA A 159 6.00 -4.74 -14.11
N PRO A 160 5.43 -5.95 -13.85
CA PRO A 160 4.19 -5.94 -13.08
C PRO A 160 4.35 -5.42 -11.66
N ALA A 161 5.58 -5.39 -11.13
CA ALA A 161 5.85 -4.89 -9.78
C ALA A 161 6.25 -3.44 -9.80
N SER A 162 6.75 -2.94 -10.92
CA SER A 162 7.24 -1.55 -10.93
C SER A 162 6.34 -0.57 -11.65
N THR A 163 5.30 -1.07 -12.32
CA THR A 163 4.42 -0.24 -13.13
C THR A 163 3.19 0.10 -12.30
N TYR A 164 3.02 1.40 -12.01
CA TYR A 164 1.79 1.85 -11.30
C TYR A 164 0.61 1.77 -12.26
N ALA A 165 -0.58 1.55 -11.70
CA ALA A 165 -1.79 1.41 -12.50
C ALA A 165 -2.40 2.81 -12.77
N ILE A 166 -1.68 3.58 -13.57
CA ILE A 166 -2.11 4.92 -13.96
C ILE A 166 -2.05 5.04 -15.49
N ASP A 167 -2.50 6.17 -16.00
CA ASP A 167 -2.48 6.44 -17.42
C ASP A 167 -1.12 6.14 -18.03
N ARG A 168 -1.08 5.16 -18.93
CA ARG A 168 0.15 4.57 -19.39
C ARG A 168 1.04 5.57 -20.10
N GLU A 169 0.42 6.35 -20.97
CA GLU A 169 1.14 7.35 -21.75
C GLU A 169 1.66 8.48 -20.87
N LEU A 170 0.89 8.88 -19.87
CA LEU A 170 1.38 9.93 -18.97
C LEU A 170 2.59 9.41 -18.18
N ALA A 171 2.49 8.18 -17.70
CA ALA A 171 3.59 7.54 -16.94
C ALA A 171 4.87 7.45 -17.78
N GLU A 172 4.70 7.07 -19.05
CA GLU A 172 5.85 6.90 -19.95
C GLU A 172 6.54 8.23 -20.24
N THR A 173 5.73 9.25 -20.54
CA THR A 173 6.24 10.57 -20.78
C THR A 173 7.02 11.16 -19.62
N TRP A 174 6.50 11.00 -18.41
CA TRP A 174 7.12 11.56 -17.25
C TRP A 174 7.97 10.57 -16.46
N HIS A 175 8.27 9.39 -17.01
CA HIS A 175 9.22 8.46 -16.41
C HIS A 175 8.79 7.98 -15.03
N ILE A 176 7.50 7.76 -14.87
CA ILE A 176 6.97 7.28 -13.60
C ILE A 176 6.96 5.76 -13.51
N LYS A 177 7.64 5.26 -12.50
CA LYS A 177 7.72 3.86 -12.19
C LYS A 177 8.25 3.72 -10.77
N ARG A 178 8.18 2.50 -10.24
CA ARG A 178 8.78 2.17 -8.94
C ARG A 178 10.28 2.01 -9.16
N TYR A 179 11.06 2.84 -8.47
CA TYR A 179 12.49 2.72 -8.43
C TYR A 179 13.00 1.85 -7.28
N GLY A 180 12.51 2.08 -6.09
CA GLY A 180 13.00 1.41 -4.89
C GLY A 180 14.27 2.03 -4.36
N PHE A 181 14.46 1.89 -3.05
CA PHE A 181 15.64 2.46 -2.38
C PHE A 181 16.17 1.54 -1.32
N HIS A 182 17.25 1.96 -0.66
CA HIS A 182 17.99 1.08 0.25
C HIS A 182 18.57 -0.14 -0.50
N GLY A 183 18.75 -0.01 -1.80
CA GLY A 183 19.22 -1.14 -2.57
C GLY A 183 20.53 -1.77 -2.10
N THR A 184 21.47 -0.98 -1.59
CA THR A 184 22.76 -1.53 -1.20
C THR A 184 22.63 -2.43 0.00
N SER A 185 21.70 -2.13 0.89
CA SER A 185 21.43 -2.94 2.03
CA SER A 185 21.48 -2.98 2.05
C SER A 185 20.64 -4.18 1.68
N HIS A 186 19.58 -4.01 0.86
CA HIS A 186 18.82 -5.16 0.44
C HIS A 186 19.72 -6.16 -0.26
N GLU A 187 20.61 -5.61 -1.08
CA GLU A 187 21.57 -6.44 -1.85
C GLU A 187 22.50 -7.14 -0.88
N TYR A 188 23.16 -6.36 -0.05
CA TYR A 188 24.14 -6.88 0.90
C TYR A 188 23.55 -7.98 1.78
N VAL A 189 22.37 -7.73 2.35
CA VAL A 189 21.74 -8.69 3.26
C VAL A 189 21.32 -9.98 2.56
N SER A 190 20.80 -9.85 1.34
CA SER A 190 20.40 -11.03 0.62
C SER A 190 21.64 -11.88 0.33
N GLN A 191 22.77 -11.27 -0.01
CA GLN A 191 24.02 -12.02 -0.23
C GLN A 191 24.51 -12.67 1.03
N GLN A 192 24.47 -11.90 2.12
CA GLN A 192 25.04 -12.36 3.38
C GLN A 192 24.16 -13.39 4.04
N ALA A 193 22.85 -13.38 3.78
CA ALA A 193 21.97 -14.42 4.30
C ALA A 193 22.30 -15.78 3.66
N ALA A 194 22.53 -15.77 2.37
CA ALA A 194 22.93 -16.98 1.64
C ALA A 194 24.24 -17.51 2.21
N ILE A 195 25.22 -16.63 2.36
CA ILE A 195 26.56 -17.00 2.89
C ILE A 195 26.43 -17.56 4.31
N PHE A 196 25.64 -16.90 5.15
CA PHE A 196 25.42 -17.37 6.50
C PHE A 196 24.84 -18.77 6.54
N LEU A 197 23.90 -19.07 5.66
CA LEU A 197 23.25 -20.36 5.61
C LEU A 197 23.99 -21.41 4.77
N ASP A 198 25.16 -21.04 4.25
CA ASP A 198 25.91 -21.92 3.32
C ASP A 198 24.97 -22.52 2.25
N ARG A 199 24.14 -21.69 1.64
CA ARG A 199 23.28 -22.12 0.53
C ARG A 199 23.47 -21.20 -0.67
N PRO A 200 23.32 -21.72 -1.91
CA PRO A 200 23.55 -20.82 -3.04
C PRO A 200 22.58 -19.65 -3.01
N LEU A 201 23.09 -18.46 -3.29
CA LEU A 201 22.26 -17.26 -3.42
C LEU A 201 21.11 -17.50 -4.43
N GLU A 202 21.40 -18.19 -5.52
CA GLU A 202 20.40 -18.44 -6.56
C GLU A 202 19.31 -19.46 -6.18
N SER A 203 19.45 -20.14 -5.05
CA SER A 203 18.48 -21.15 -4.62
C SER A 203 17.42 -20.57 -3.70
N LEU A 204 17.65 -19.36 -3.20
CA LEU A 204 16.83 -18.83 -2.11
C LEU A 204 15.81 -17.74 -2.53
N ASN A 205 14.61 -17.85 -1.97
CA ASN A 205 13.64 -16.76 -2.02
C ASN A 205 13.63 -16.10 -0.66
N GLN A 206 13.86 -14.79 -0.65
CA GLN A 206 14.12 -14.06 0.60
C GLN A 206 13.31 -12.82 0.72
N ILE A 207 13.01 -12.44 1.97
CA ILE A 207 12.52 -11.11 2.29
C ILE A 207 13.57 -10.44 3.13
N VAL A 208 13.84 -9.16 2.84
CA VAL A 208 14.75 -8.37 3.66
C VAL A 208 13.97 -7.18 4.18
N LEU A 209 14.13 -6.93 5.47
CA LEU A 209 13.45 -5.81 6.14
C LEU A 209 14.48 -4.82 6.64
N HIS A 210 14.63 -3.72 5.91
CA HIS A 210 15.51 -2.61 6.30
C HIS A 210 14.71 -1.66 7.19
N LEU A 211 14.89 -1.80 8.49
CA LEU A 211 14.09 -1.06 9.44
C LEU A 211 15.03 -0.08 10.16
N GLY A 212 15.05 1.11 9.61
CA GLY A 212 15.87 2.20 10.14
C GLY A 212 15.07 3.47 10.22
N ASN A 213 15.75 4.61 10.17
CA ASN A 213 15.06 5.91 10.10
C ASN A 213 14.15 5.95 8.89
N GLY A 214 14.68 5.57 7.74
CA GLY A 214 13.81 5.15 6.64
C GLY A 214 13.62 3.63 6.73
N ALA A 215 12.51 3.14 6.23
CA ALA A 215 12.23 1.69 6.32
C ALA A 215 11.66 1.20 5.03
N SER A 216 12.17 0.05 4.58
CA SER A 216 11.69 -0.56 3.36
C SER A 216 11.88 -2.06 3.43
N ALA A 217 11.01 -2.76 2.71
CA ALA A 217 11.09 -4.23 2.55
C ALA A 217 11.45 -4.55 1.11
N SER A 218 12.06 -5.70 0.90
CA SER A 218 12.26 -6.24 -0.46
C SER A 218 11.94 -7.72 -0.47
N ALA A 219 11.67 -8.20 -1.67
CA ALA A 219 11.50 -9.62 -1.99
C ALA A 219 12.52 -9.91 -3.05
N VAL A 220 13.32 -10.96 -2.81
CA VAL A 220 14.46 -11.31 -3.65
C VAL A 220 14.34 -12.80 -4.02
N ALA A 221 14.30 -13.08 -5.33
CA ALA A 221 14.15 -14.43 -5.84
C ALA A 221 15.45 -14.83 -6.50
N GLY A 222 16.19 -15.70 -5.82
CA GLY A 222 17.43 -16.27 -6.42
C GLY A 222 18.46 -15.20 -6.70
N GLY A 223 18.52 -14.23 -5.81
CA GLY A 223 19.40 -13.09 -5.88
C GLY A 223 18.88 -11.84 -6.56
N LYS A 224 17.78 -11.94 -7.31
CA LYS A 224 17.23 -10.83 -8.12
C LYS A 224 16.05 -10.20 -7.39
N ALA A 225 16.03 -8.89 -7.22
CA ALA A 225 14.90 -8.28 -6.60
C ALA A 225 13.64 -8.45 -7.46
N VAL A 226 12.54 -8.87 -6.83
CA VAL A 226 11.27 -8.95 -7.52
C VAL A 226 10.21 -7.98 -6.99
N ASP A 227 10.43 -7.39 -5.81
CA ASP A 227 9.51 -6.35 -5.32
C ASP A 227 10.21 -5.57 -4.23
N THR A 228 9.75 -4.36 -4.04
CA THR A 228 10.25 -3.57 -2.91
C THR A 228 9.23 -2.48 -2.59
N SER A 229 9.30 -1.90 -1.39
CA SER A 229 8.17 -1.14 -0.85
C SER A 229 8.19 0.36 -1.13
N MET A 230 9.39 0.95 -1.29
CA MET A 230 9.45 2.34 -1.67
C MET A 230 9.16 2.47 -3.18
N GLY A 231 8.97 3.67 -3.66
CA GLY A 231 8.29 3.86 -4.96
C GLY A 231 9.12 4.59 -5.96
N LEU A 232 8.48 5.54 -6.64
CA LEU A 232 9.22 6.52 -7.41
C LEU A 232 10.11 7.30 -6.47
N THR A 233 9.61 7.47 -5.26
CA THR A 233 10.27 8.20 -4.17
C THR A 233 10.35 7.33 -2.92
N PRO A 234 11.17 7.75 -1.93
CA PRO A 234 11.24 7.05 -0.67
C PRO A 234 10.03 7.24 0.23
N MET A 235 8.90 7.74 -0.30
CA MET A 235 7.72 7.99 0.54
C MET A 235 6.74 6.82 0.66
N GLU A 236 6.86 5.82 -0.21
CA GLU A 236 5.92 4.69 -0.24
C GLU A 236 6.38 3.60 0.73
N GLY A 237 5.41 2.87 1.27
CA GLY A 237 5.66 1.56 1.90
C GLY A 237 5.47 1.59 3.41
N LEU A 238 6.51 1.19 4.12
CA LEU A 238 6.45 0.96 5.54
C LEU A 238 6.26 2.29 6.30
N VAL A 239 5.82 2.21 7.55
CA VAL A 239 5.87 3.34 8.46
C VAL A 239 7.37 3.55 8.81
N MET A 240 7.81 4.82 8.90
CA MET A 240 9.18 5.13 9.13
C MET A 240 9.31 6.10 10.31
N GLY A 241 10.54 6.59 10.54
CA GLY A 241 10.82 7.49 11.68
C GLY A 241 9.94 8.70 11.67
N THR A 242 9.94 9.39 10.53
CA THR A 242 9.20 10.61 10.33
C THR A 242 8.33 10.58 9.10
N ARG A 243 8.36 9.45 8.35
CA ARG A 243 7.60 9.31 7.12
C ARG A 243 6.40 8.41 7.28
N SER A 244 5.34 8.78 6.57
CA SER A 244 4.07 8.09 6.69
C SER A 244 4.09 6.70 6.09
N GLY A 245 4.92 6.54 5.07
CA GLY A 245 4.74 5.43 4.13
C GLY A 245 3.36 5.46 3.50
N ASP A 246 2.85 4.28 3.16
CA ASP A 246 1.60 4.12 2.42
C ASP A 246 0.46 4.96 2.98
N ILE A 247 -0.21 5.66 2.11
CA ILE A 247 -1.36 6.48 2.47
C ILE A 247 -2.32 6.61 1.29
N ASP A 248 -3.63 6.62 1.61
CA ASP A 248 -4.68 6.78 0.61
C ASP A 248 -4.38 8.07 -0.13
N PRO A 249 -4.29 8.02 -1.46
CA PRO A 249 -4.08 9.33 -2.18
C PRO A 249 -5.20 10.36 -1.90
N GLY A 250 -6.39 9.85 -1.56
CA GLY A 250 -7.53 10.70 -1.18
C GLY A 250 -7.24 11.56 0.03
N VAL A 251 -6.34 11.12 0.89
CA VAL A 251 -5.99 11.92 2.07
C VAL A 251 -5.24 13.17 1.63
N ILE A 252 -4.35 13.02 0.65
CA ILE A 252 -3.61 14.15 0.14
C ILE A 252 -4.56 15.18 -0.47
N MET A 253 -5.53 14.69 -1.24
CA MET A 253 -6.45 15.56 -1.93
C MET A 253 -7.32 16.33 -0.90
N TYR A 254 -7.68 15.63 0.18
CA TYR A 254 -8.52 16.21 1.25
C TYR A 254 -7.76 17.24 2.05
N LEU A 255 -6.49 16.95 2.35
CA LEU A 255 -5.67 17.96 3.05
C LEU A 255 -5.47 19.25 2.24
N TRP A 256 -5.34 19.12 0.92
CA TRP A 256 -5.29 20.26 0.04
C TRP A 256 -6.62 20.98 -0.05
N ARG A 257 -7.70 20.23 -0.27
CA ARG A 257 -9.00 20.81 -0.61
C ARG A 257 -9.71 21.40 0.62
N THR A 258 -9.63 20.71 1.73
CA THR A 258 -10.41 21.07 2.91
C THR A 258 -9.55 21.66 4.03
N ALA A 259 -8.42 21.06 4.32
CA ALA A 259 -7.53 21.58 5.35
C ALA A 259 -6.70 22.78 4.88
N GLY A 260 -6.76 23.08 3.59
CA GLY A 260 -6.10 24.23 2.99
C GLY A 260 -4.58 24.24 3.02
N MET A 261 -4.00 23.05 3.01
CA MET A 261 -2.55 22.92 3.01
C MET A 261 -1.99 22.94 1.58
N SER A 262 -0.83 23.58 1.40
CA SER A 262 -0.19 23.62 0.10
C SER A 262 0.34 22.21 -0.15
N VAL A 263 0.54 21.90 -1.42
CA VAL A 263 1.09 20.60 -1.74
C VAL A 263 2.49 20.42 -1.13
N ASP A 264 3.32 21.46 -1.18
CA ASP A 264 4.65 21.37 -0.60
C ASP A 264 4.52 21.08 0.90
N ASP A 265 3.58 21.73 1.56
CA ASP A 265 3.41 21.55 2.99
C ASP A 265 2.87 20.15 3.37
N ILE A 266 1.99 19.59 2.54
CA ILE A 266 1.54 18.21 2.71
C ILE A 266 2.72 17.26 2.55
N GLU A 267 3.50 17.43 1.49
CA GLU A 267 4.71 16.63 1.32
C GLU A 267 5.67 16.73 2.53
N SER A 268 5.87 17.95 3.05
CA SER A 268 6.75 18.13 4.19
C SER A 268 6.22 17.41 5.40
N MET A 269 4.90 17.48 5.60
CA MET A 269 4.25 16.79 6.70
C MET A 269 4.42 15.28 6.59
N LEU A 270 4.22 14.75 5.39
CA LEU A 270 4.39 13.31 5.19
C LEU A 270 5.81 12.83 5.32
N ASN A 271 6.78 13.70 5.07
CA ASN A 271 8.21 13.32 5.13
C ASN A 271 8.82 13.57 6.50
N ARG A 272 8.35 14.61 7.19
CA ARG A 272 9.02 15.13 8.39
C ARG A 272 8.23 15.09 9.67
N ARG A 273 6.91 15.02 9.58
CA ARG A 273 6.03 15.11 10.74
C ARG A 273 5.01 13.98 10.74
N SER A 274 5.46 12.84 10.23
CA SER A 274 4.60 11.67 10.14
C SER A 274 5.32 10.49 10.77
N GLY A 275 4.92 9.28 10.42
CA GLY A 275 5.63 8.11 10.92
C GLY A 275 5.49 7.98 12.43
N VAL A 276 6.47 7.34 13.04
CA VAL A 276 6.54 7.22 14.53
C VAL A 276 6.56 8.60 15.21
N LEU A 277 7.21 9.57 14.61
CA LEU A 277 7.21 10.93 15.20
C LEU A 277 5.85 11.59 15.21
N GLY A 278 5.22 11.70 14.04
CA GLY A 278 3.94 12.39 13.87
C GLY A 278 2.84 11.70 14.63
N LEU A 279 2.83 10.39 14.57
CA LEU A 279 1.79 9.65 15.23
C LEU A 279 2.10 9.42 16.73
N GLY A 280 3.35 9.09 17.06
CA GLY A 280 3.71 8.59 18.39
C GLY A 280 4.36 9.62 19.30
N GLY A 281 4.77 10.73 18.72
CA GLY A 281 5.46 11.80 19.44
C GLY A 281 6.86 11.42 19.86
N ALA A 282 7.49 10.47 19.15
CA ALA A 282 8.81 10.00 19.49
C ALA A 282 9.80 10.36 18.39
N SER A 283 10.88 11.02 18.79
CA SER A 283 11.95 11.44 17.88
C SER A 283 12.74 10.27 17.24
N ASP A 284 12.71 9.11 17.89
CA ASP A 284 13.30 7.90 17.34
C ASP A 284 12.79 6.67 18.05
N PHE A 285 13.15 5.50 17.52
CA PHE A 285 12.57 4.27 18.05
C PHE A 285 12.91 3.91 19.49
N ARG A 286 14.11 4.25 19.96
CA ARG A 286 14.43 4.06 21.39
C ARG A 286 13.49 4.86 22.29
N LYS A 287 13.28 6.12 21.91
CA LYS A 287 12.38 7.01 22.64
C LYS A 287 10.97 6.48 22.61
N LEU A 288 10.58 5.94 21.45
CA LEU A 288 9.23 5.39 21.30
C LEU A 288 9.02 4.27 22.31
N ARG A 289 9.97 3.36 22.41
CA ARG A 289 9.82 2.22 23.32
C ARG A 289 9.79 2.70 24.78
N GLU A 290 10.59 3.70 25.09
CA GLU A 290 10.61 4.30 26.44
C GLU A 290 9.25 4.90 26.84
N LEU A 291 8.63 5.62 25.91
CA LEU A 291 7.29 6.16 26.10
C LEU A 291 6.25 5.06 26.31
N ILE A 292 6.32 4.00 25.51
CA ILE A 292 5.41 2.87 25.67
C ILE A 292 5.51 2.24 27.08
N GLU A 293 6.74 2.06 27.52
CA GLU A 293 6.98 1.45 28.83
C GLU A 293 6.47 2.36 29.95
N SER A 294 6.51 3.67 29.73
CA SER A 294 5.93 4.67 30.65
C SER A 294 4.38 4.81 30.61
N GLY A 295 3.75 4.10 29.67
CA GLY A 295 2.29 4.10 29.54
C GLY A 295 1.71 5.11 28.58
N ASP A 296 2.50 5.59 27.62
CA ASP A 296 2.03 6.60 26.69
C ASP A 296 1.18 5.90 25.64
N GLU A 297 -0.12 6.17 25.63
CA GLU A 297 -1.05 5.45 24.73
C GLU A 297 -0.81 5.82 23.26
N HIS A 298 -0.47 7.09 23.01
CA HIS A 298 -0.16 7.51 21.64
C HIS A 298 1.05 6.76 21.09
N ALA A 299 2.11 6.62 21.90
CA ALA A 299 3.32 5.93 21.44
C ALA A 299 3.01 4.47 21.14
N LYS A 300 2.19 3.86 21.97
CA LYS A 300 1.79 2.46 21.77
C LYS A 300 0.99 2.30 20.47
N LEU A 301 0.07 3.23 20.22
CA LEU A 301 -0.72 3.14 18.99
C LEU A 301 0.21 3.30 17.77
N ALA A 302 1.20 4.20 17.87
CA ALA A 302 2.13 4.38 16.76
C ALA A 302 2.92 3.12 16.51
N TYR A 303 3.38 2.46 17.57
CA TYR A 303 4.12 1.20 17.43
C TYR A 303 3.21 0.13 16.80
N ASP A 304 1.97 0.09 17.22
CA ASP A 304 1.02 -0.92 16.69
C ASP A 304 0.71 -0.65 15.23
N VAL A 305 0.67 0.63 14.83
CA VAL A 305 0.48 0.96 13.40
C VAL A 305 1.70 0.53 12.58
N TYR A 306 2.87 0.79 13.13
CA TYR A 306 4.15 0.42 12.50
C TYR A 306 4.20 -1.11 12.31
N ILE A 307 3.84 -1.85 13.35
CA ILE A 307 3.90 -3.33 13.26
C ILE A 307 2.85 -3.87 12.30
N HIS A 308 1.65 -3.30 12.38
CA HIS A 308 0.57 -3.71 11.47
C HIS A 308 1.01 -3.57 9.99
N ARG A 309 1.63 -2.45 9.66
CA ARG A 309 2.04 -2.20 8.29
C ARG A 309 3.13 -3.20 7.90
N LEU A 310 4.08 -3.41 8.81
CA LEU A 310 5.20 -4.31 8.55
C LEU A 310 4.71 -5.74 8.30
N ARG A 311 3.82 -6.20 9.15
CA ARG A 311 3.22 -7.53 8.99
C ARG A 311 2.57 -7.65 7.64
N LYS A 312 1.88 -6.60 7.20
CA LYS A 312 1.21 -6.68 5.90
C LYS A 312 2.24 -6.80 4.77
N TYR A 313 3.35 -6.06 4.83
CA TYR A 313 4.37 -6.22 3.79
C TYR A 313 5.04 -7.60 3.80
N ILE A 314 5.22 -8.16 4.98
CA ILE A 314 5.83 -9.49 5.07
C ILE A 314 4.89 -10.51 4.40
N GLY A 315 3.63 -10.47 4.79
CA GLY A 315 2.62 -11.34 4.17
C GLY A 315 2.54 -11.12 2.67
N ALA A 316 2.48 -9.86 2.26
CA ALA A 316 2.45 -9.55 0.83
C ALA A 316 3.60 -10.17 0.04
N TYR A 317 4.79 -10.02 0.55
CA TYR A 317 5.96 -10.50 -0.19
C TYR A 317 6.09 -12.03 -0.10
N MET A 318 5.52 -12.65 0.92
CA MET A 318 5.41 -14.12 0.93
C MET A 318 4.50 -14.57 -0.19
N ALA A 319 3.42 -13.84 -0.44
CA ALA A 319 2.56 -14.14 -1.60
C ALA A 319 3.26 -13.87 -2.92
N VAL A 320 4.08 -12.81 -2.99
CA VAL A 320 4.85 -12.55 -4.20
C VAL A 320 5.83 -13.68 -4.48
N LEU A 321 6.60 -14.09 -3.46
CA LEU A 321 7.60 -15.14 -3.65
C LEU A 321 6.97 -16.50 -3.83
N GLY A 322 5.81 -16.72 -3.21
CA GLY A 322 5.11 -18.02 -3.28
C GLY A 322 5.73 -18.98 -2.27
N ARG A 323 7.00 -19.32 -2.44
CA ARG A 323 7.77 -20.05 -1.44
C ARG A 323 8.81 -19.08 -0.84
N THR A 324 8.79 -18.89 0.46
CA THR A 324 9.78 -18.05 1.14
C THR A 324 10.74 -18.89 1.97
N ASP A 325 12.03 -18.82 1.67
CA ASP A 325 13.03 -19.54 2.40
C ASP A 325 13.55 -18.83 3.66
N VAL A 326 13.68 -17.49 3.57
CA VAL A 326 14.33 -16.73 4.63
CA VAL A 326 14.39 -16.71 4.58
C VAL A 326 13.77 -15.31 4.70
N ILE A 327 13.62 -14.85 5.93
CA ILE A 327 13.31 -13.47 6.25
C ILE A 327 14.43 -12.92 7.10
N SER A 328 14.99 -11.77 6.70
CA SER A 328 16.11 -11.18 7.46
C SER A 328 15.79 -9.75 7.87
N PHE A 329 16.14 -9.40 9.11
CA PHE A 329 16.00 -8.03 9.61
C PHE A 329 17.35 -7.33 9.58
N THR A 330 17.33 -6.04 9.25
CA THR A 330 18.54 -5.24 9.24
C THR A 330 18.23 -3.77 9.55
N ALA A 331 19.30 -2.99 9.66
CA ALA A 331 19.29 -1.56 9.98
C ALA A 331 19.01 -1.34 11.47
N GLY A 332 18.96 -0.08 11.90
CA GLY A 332 18.98 0.22 13.32
C GLY A 332 17.94 -0.48 14.19
N VAL A 333 16.69 -0.43 13.75
CA VAL A 333 15.61 -1.07 14.49
C VAL A 333 15.66 -2.59 14.29
N GLY A 334 15.83 -3.01 13.04
CA GLY A 334 15.88 -4.44 12.74
C GLY A 334 16.95 -5.22 13.49
N GLU A 335 18.09 -4.60 13.70
CA GLU A 335 19.23 -5.23 14.33
C GLU A 335 19.12 -5.23 15.84
N ASN A 336 18.41 -4.24 16.38
CA ASN A 336 18.54 -3.89 17.81
C ASN A 336 17.28 -3.94 18.65
N VAL A 337 16.13 -4.19 18.02
CA VAL A 337 14.89 -4.19 18.75
C VAL A 337 14.13 -5.51 18.67
N PRO A 338 14.40 -6.43 19.60
CA PRO A 338 13.73 -7.75 19.57
C PRO A 338 12.20 -7.70 19.54
N PRO A 339 11.58 -6.77 20.29
CA PRO A 339 10.13 -6.75 20.19
C PRO A 339 9.53 -6.51 18.79
N VAL A 340 10.20 -5.75 17.94
CA VAL A 340 9.68 -5.50 16.59
C VAL A 340 9.70 -6.80 15.81
N ARG A 341 10.78 -7.54 15.97
CA ARG A 341 10.94 -8.81 15.23
C ARG A 341 9.89 -9.81 15.73
N ARG A 342 9.69 -9.85 17.04
CA ARG A 342 8.71 -10.73 17.64
C ARG A 342 7.30 -10.39 17.17
N ASP A 343 6.92 -9.12 17.30
CA ASP A 343 5.55 -8.68 17.01
C ASP A 343 5.24 -8.71 15.50
N ALA A 344 6.24 -8.47 14.67
CA ALA A 344 6.05 -8.51 13.19
C ALA A 344 5.73 -9.94 12.76
N LEU A 345 6.21 -10.94 13.51
CA LEU A 345 6.12 -12.34 13.04
C LEU A 345 5.31 -13.27 13.93
N ALA A 346 4.79 -12.74 15.03
CA ALA A 346 3.95 -13.54 15.96
C ALA A 346 2.70 -14.08 15.30
N GLY A 347 2.29 -15.28 15.73
CA GLY A 347 1.05 -15.85 15.25
C GLY A 347 1.02 -16.28 13.80
N LEU A 348 2.20 -16.50 13.20
CA LEU A 348 2.30 -16.88 11.78
C LEU A 348 2.74 -18.32 11.58
N GLY A 349 2.45 -19.18 12.56
CA GLY A 349 2.75 -20.60 12.39
C GLY A 349 2.12 -21.21 11.16
N GLY A 350 0.91 -20.75 10.85
CA GLY A 350 0.20 -21.14 9.62
C GLY A 350 0.90 -20.78 8.32
N LEU A 351 1.84 -19.83 8.39
CA LEU A 351 2.63 -19.46 7.23
C LEU A 351 4.07 -19.99 7.34
N GLY A 352 4.30 -20.90 8.29
CA GLY A 352 5.58 -21.58 8.41
C GLY A 352 6.64 -20.81 9.17
N ILE A 353 6.23 -19.87 10.02
CA ILE A 353 7.18 -19.00 10.75
C ILE A 353 7.03 -19.17 12.26
N GLU A 354 8.15 -19.43 12.93
CA GLU A 354 8.19 -19.47 14.38
C GLU A 354 9.49 -18.89 14.91
N ILE A 355 9.35 -17.81 15.67
CA ILE A 355 10.47 -17.16 16.35
C ILE A 355 10.84 -17.91 17.63
N ASP A 356 12.14 -18.06 17.82
CA ASP A 356 12.73 -18.53 19.09
C ASP A 356 12.97 -17.30 19.96
N ASP A 357 12.11 -17.10 20.96
CA ASP A 357 12.17 -15.88 21.76
C ASP A 357 13.51 -15.73 22.46
N ALA A 358 14.12 -16.82 22.89
CA ALA A 358 15.39 -16.73 23.58
C ALA A 358 16.46 -16.24 22.64
N LEU A 359 16.54 -16.83 21.44
CA LEU A 359 17.52 -16.40 20.47
C LEU A 359 17.26 -14.95 20.03
N ASN A 360 15.99 -14.61 19.93
CA ASN A 360 15.62 -13.22 19.55
C ASN A 360 16.01 -12.17 20.59
N SER A 361 15.98 -12.56 21.86
CA SER A 361 16.30 -11.65 22.97
C SER A 361 17.77 -11.50 23.31
N ALA A 362 18.55 -12.54 23.09
CA ALA A 362 19.95 -12.51 23.45
C ALA A 362 20.68 -11.44 22.64
N LYS A 363 21.49 -10.63 23.29
CA LYS A 363 22.14 -9.52 22.58
C LYS A 363 23.34 -10.04 21.80
N SER A 364 23.48 -9.57 20.56
CA SER A 364 24.53 -9.95 19.67
C SER A 364 24.57 -8.92 18.57
N ASP A 365 25.75 -8.78 17.97
CA ASP A 365 25.94 -7.93 16.79
C ASP A 365 26.32 -8.72 15.55
N GLU A 366 26.13 -10.04 15.60
CA GLU A 366 26.56 -10.96 14.56
C GLU A 366 25.36 -11.35 13.70
N PRO A 367 25.57 -11.65 12.41
CA PRO A 367 24.51 -12.33 11.69
C PRO A 367 24.13 -13.62 12.42
N ARG A 368 22.83 -13.88 12.55
CA ARG A 368 22.33 -14.90 13.47
C ARG A 368 20.90 -15.34 13.20
N LEU A 369 20.64 -16.56 13.62
CA LEU A 369 19.35 -17.20 13.52
C LEU A 369 18.47 -16.81 14.70
N ILE A 370 17.21 -16.47 14.44
CA ILE A 370 16.26 -16.20 15.49
C ILE A 370 14.98 -16.99 15.41
N SER A 371 14.93 -17.94 14.50
CA SER A 371 13.78 -18.82 14.37
C SER A 371 14.12 -20.18 15.02
N THR A 372 13.08 -20.93 15.37
CA THR A 372 13.22 -22.25 16.01
C THR A 372 13.57 -23.28 14.92
N PRO A 373 14.09 -24.44 15.32
CA PRO A 373 14.34 -25.46 14.31
C PRO A 373 13.10 -25.93 13.51
N ASP A 374 11.91 -25.88 14.12
CA ASP A 374 10.65 -26.30 13.47
C ASP A 374 10.18 -25.26 12.43
N SER A 375 10.67 -24.03 12.52
CA SER A 375 10.22 -22.99 11.60
C SER A 375 10.55 -23.38 10.17
N ARG A 376 9.54 -23.46 9.31
CA ARG A 376 9.76 -23.74 7.88
C ARG A 376 10.53 -22.61 7.24
N VAL A 377 10.16 -21.38 7.58
CA VAL A 377 10.86 -20.21 7.09
C VAL A 377 11.99 -19.87 8.06
N THR A 378 13.20 -19.66 7.56
CA THR A 378 14.32 -19.33 8.43
C THR A 378 14.30 -17.82 8.67
N VAL A 379 14.47 -17.40 9.91
CA VAL A 379 14.48 -15.96 10.24
C VAL A 379 15.83 -15.55 10.77
N LEU A 380 16.40 -14.48 10.21
CA LEU A 380 17.71 -14.03 10.56
C LEU A 380 17.71 -12.58 10.99
N VAL A 381 18.74 -12.20 11.75
CA VAL A 381 19.17 -10.81 11.88
C VAL A 381 20.52 -10.74 11.16
N VAL A 382 20.63 -9.89 10.15
CA VAL A 382 21.83 -9.70 9.34
C VAL A 382 22.20 -8.23 9.31
N PRO A 383 23.17 -7.81 10.15
CA PRO A 383 23.47 -6.38 10.19
C PRO A 383 23.99 -5.86 8.87
N THR A 384 23.63 -4.63 8.51
CA THR A 384 24.30 -3.98 7.39
C THR A 384 25.14 -2.85 7.92
N ASN A 385 26.41 -2.86 7.63
CA ASN A 385 27.17 -1.62 7.63
C ASN A 385 27.05 -0.95 6.27
N GLU A 386 26.36 0.18 6.26
CA GLU A 386 26.09 0.90 5.03
C GLU A 386 27.38 1.50 4.46
N GLU A 387 28.20 2.05 5.34
CA GLU A 387 29.45 2.69 4.90
C GLU A 387 30.36 1.64 4.26
N LEU A 388 30.42 0.46 4.86
CA LEU A 388 31.20 -0.63 4.25
C LEU A 388 30.76 -1.00 2.86
N ALA A 389 29.44 -1.00 2.66
CA ALA A 389 28.88 -1.36 1.38
C ALA A 389 29.23 -0.32 0.32
N ILE A 390 29.16 0.95 0.69
CA ILE A 390 29.51 2.02 -0.25
C ILE A 390 30.97 1.86 -0.67
N ALA A 391 31.86 1.67 0.30
CA ALA A 391 33.29 1.59 0.02
C ALA A 391 33.55 0.46 -0.94
N ARG A 392 32.84 -0.65 -0.73
CA ARG A 392 33.03 -1.79 -1.61
C ARG A 392 32.60 -1.56 -3.04
N ALA A 393 31.50 -0.83 -3.23
CA ALA A 393 31.02 -0.53 -4.57
C ALA A 393 31.94 0.40 -5.37
N CYS A 394 32.87 1.09 -4.70
CA CYS A 394 33.84 1.98 -5.35
C CYS A 394 34.95 1.24 -6.04
N VAL A 395 35.20 0.01 -5.61
CA VAL A 395 36.27 -0.78 -6.17
C VAL A 395 35.85 -1.28 -7.56
N GLY A 396 36.71 -1.06 -8.54
CA GLY A 396 36.45 -1.52 -9.91
C GLY A 396 35.52 -0.62 -10.70
N VAL A 397 35.29 0.58 -10.18
CA VAL A 397 34.76 1.69 -10.92
C VAL A 397 36.03 2.47 -11.24
N VAL B 23 -43.20 -7.60 4.56
CA VAL B 23 -42.61 -6.25 4.23
C VAL B 23 -42.00 -6.26 2.83
N THR B 24 -42.21 -5.18 2.09
CA THR B 24 -41.67 -5.01 0.73
C THR B 24 -40.93 -3.69 0.61
N VAL B 25 -39.79 -3.73 -0.06
CA VAL B 25 -38.86 -2.60 -0.12
C VAL B 25 -38.47 -2.40 -1.57
N LEU B 26 -38.43 -1.15 -2.00
CA LEU B 26 -37.79 -0.77 -3.26
C LEU B 26 -36.32 -0.39 -2.95
N VAL B 27 -35.40 -0.99 -3.70
CA VAL B 27 -33.96 -0.76 -3.56
C VAL B 27 -33.43 -0.01 -4.79
N VAL B 28 -32.68 1.06 -4.55
CA VAL B 28 -32.11 1.87 -5.62
C VAL B 28 -30.61 1.94 -5.39
N ASN B 29 -29.82 1.63 -6.39
CA ASN B 29 -28.38 1.89 -6.39
C ASN B 29 -28.10 2.76 -7.61
N SER B 30 -27.92 4.04 -7.38
CA SER B 30 -27.85 5.01 -8.44
C SER B 30 -26.38 5.38 -8.63
N GLY B 31 -25.78 4.80 -9.65
CA GLY B 31 -24.39 5.10 -10.01
C GLY B 31 -24.30 6.12 -11.13
N SER B 32 -23.09 6.48 -11.52
CA SER B 32 -22.91 7.59 -12.46
C SER B 32 -23.50 7.27 -13.82
N SER B 33 -23.37 6.02 -14.25
CA SER B 33 -23.76 5.59 -15.59
C SER B 33 -24.97 4.66 -15.60
N SER B 34 -25.32 4.08 -14.46
CA SER B 34 -26.48 3.18 -14.45
C SER B 34 -27.22 3.21 -13.14
N LEU B 35 -28.44 2.73 -13.15
CA LEU B 35 -29.26 2.72 -11.96
C LEU B 35 -29.87 1.34 -11.82
N LYS B 36 -29.41 0.62 -10.78
CA LYS B 36 -29.91 -0.70 -10.46
C LYS B 36 -31.09 -0.57 -9.50
N TYR B 37 -32.13 -1.38 -9.72
CA TYR B 37 -33.34 -1.35 -8.90
C TYR B 37 -33.85 -2.76 -8.65
N ALA B 38 -34.51 -2.96 -7.51
CA ALA B 38 -35.17 -4.19 -7.22
C ALA B 38 -36.29 -3.91 -6.25
N VAL B 39 -37.29 -4.78 -6.31
CA VAL B 39 -38.36 -4.81 -5.33
C VAL B 39 -38.18 -6.11 -4.56
N VAL B 40 -37.98 -6.01 -3.24
CA VAL B 40 -37.53 -7.13 -2.42
C VAL B 40 -38.38 -7.29 -1.16
N ARG B 41 -38.67 -8.55 -0.84
CA ARG B 41 -39.25 -8.92 0.45
C ARG B 41 -38.11 -9.48 1.29
N PRO B 42 -37.54 -8.67 2.20
CA PRO B 42 -36.34 -9.06 2.92
C PRO B 42 -36.48 -10.29 3.80
N ALA B 43 -37.63 -10.47 4.45
CA ALA B 43 -37.80 -11.62 5.33
C ALA B 43 -37.48 -12.92 4.56
N SER B 44 -38.18 -13.13 3.45
CA SER B 44 -38.02 -14.33 2.64
C SER B 44 -36.85 -14.25 1.69
N GLY B 45 -36.40 -13.02 1.43
CA GLY B 45 -35.44 -12.77 0.40
C GLY B 45 -36.01 -12.79 -1.00
N GLU B 46 -37.32 -13.00 -1.19
CA GLU B 46 -37.81 -13.12 -2.55
C GLU B 46 -37.73 -11.77 -3.31
N PHE B 47 -37.31 -11.83 -4.55
CA PHE B 47 -37.28 -10.68 -5.45
C PHE B 47 -38.51 -10.68 -6.34
N LEU B 48 -39.31 -9.64 -6.25
CA LEU B 48 -40.47 -9.48 -7.13
C LEU B 48 -40.10 -8.92 -8.50
N ALA B 49 -39.01 -8.17 -8.57
CA ALA B 49 -38.52 -7.66 -9.84
C ALA B 49 -37.11 -7.17 -9.62
N ASP B 50 -36.31 -7.15 -10.67
CA ASP B 50 -35.04 -6.43 -10.63
C ASP B 50 -34.67 -5.99 -12.03
N GLY B 51 -33.79 -5.00 -12.13
CA GLY B 51 -33.37 -4.51 -13.43
C GLY B 51 -32.25 -3.51 -13.30
N ILE B 52 -31.76 -3.05 -14.45
CA ILE B 52 -30.73 -2.04 -14.49
CA ILE B 52 -30.70 -2.05 -14.50
C ILE B 52 -31.06 -1.11 -15.64
N ILE B 53 -31.02 0.21 -15.38
CA ILE B 53 -31.20 1.22 -16.42
C ILE B 53 -29.80 1.70 -16.74
N GLU B 54 -29.39 1.52 -17.99
CA GLU B 54 -28.00 1.72 -18.38
C GLU B 54 -27.80 2.96 -19.25
N GLU B 55 -26.54 3.34 -19.43
CA GLU B 55 -26.17 4.46 -20.31
C GLU B 55 -26.90 5.75 -19.98
N ILE B 56 -26.94 6.08 -18.69
CA ILE B 56 -27.52 7.36 -18.27
C ILE B 56 -26.74 8.47 -18.97
N GLY B 57 -27.47 9.43 -19.50
CA GLY B 57 -26.94 10.42 -20.44
C GLY B 57 -27.29 10.14 -21.89
N SER B 58 -27.94 9.02 -22.17
CA SER B 58 -28.43 8.71 -23.51
C SER B 58 -29.61 9.60 -23.90
N GLY B 59 -29.97 9.56 -25.17
CA GLY B 59 -31.15 10.27 -25.64
C GLY B 59 -32.38 9.89 -24.85
N ALA B 60 -32.56 8.59 -24.62
CA ALA B 60 -33.72 8.07 -23.94
C ALA B 60 -33.69 8.29 -22.43
N VAL B 61 -32.51 8.26 -21.83
CA VAL B 61 -32.35 8.41 -20.37
C VAL B 61 -31.28 9.49 -20.06
N PRO B 62 -31.63 10.76 -20.19
CA PRO B 62 -30.54 11.75 -20.16
C PRO B 62 -29.95 12.04 -18.77
N ASP B 63 -30.70 11.75 -17.72
CA ASP B 63 -30.25 12.02 -16.35
C ASP B 63 -30.81 10.97 -15.40
N HIS B 64 -30.46 11.08 -14.11
CA HIS B 64 -30.86 10.06 -13.13
C HIS B 64 -32.35 10.10 -12.85
N ASP B 65 -32.94 11.28 -12.97
CA ASP B 65 -34.38 11.45 -12.84
C ASP B 65 -35.13 10.63 -13.91
N ALA B 66 -34.68 10.74 -15.17
CA ALA B 66 -35.21 9.91 -16.26
C ALA B 66 -35.00 8.41 -15.94
N ALA B 67 -33.87 8.11 -15.30
CA ALA B 67 -33.49 6.72 -15.06
C ALA B 67 -34.43 6.03 -14.07
N LEU B 68 -34.76 6.70 -12.97
CA LEU B 68 -35.69 6.11 -12.02
C LEU B 68 -37.07 6.01 -12.65
N ARG B 69 -37.49 7.04 -13.40
CA ARG B 69 -38.79 6.97 -14.11
C ARG B 69 -38.84 5.77 -15.05
N ALA B 70 -37.75 5.53 -15.77
CA ALA B 70 -37.65 4.37 -16.67
C ALA B 70 -37.74 3.03 -15.91
N ALA B 71 -37.08 2.93 -14.75
CA ALA B 71 -37.19 1.74 -13.91
C ALA B 71 -38.67 1.49 -13.56
N PHE B 72 -39.38 2.55 -13.21
CA PHE B 72 -40.82 2.48 -12.94
C PHE B 72 -41.63 2.01 -14.16
N ASP B 73 -41.23 2.45 -15.37
CA ASP B 73 -41.87 1.96 -16.62
C ASP B 73 -41.63 0.46 -16.82
N GLU B 74 -40.41 0.01 -16.54
CA GLU B 74 -40.09 -1.42 -16.67
C GLU B 74 -40.88 -2.26 -15.69
N LEU B 75 -41.05 -1.76 -14.48
CA LEU B 75 -41.83 -2.47 -13.47
C LEU B 75 -43.27 -2.59 -13.95
N ALA B 76 -43.80 -1.46 -14.42
CA ALA B 76 -45.16 -1.42 -14.95
C ALA B 76 -45.30 -2.39 -16.12
N ALA B 77 -44.33 -2.34 -17.03
CA ALA B 77 -44.32 -3.21 -18.21
C ALA B 77 -44.30 -4.70 -17.83
N ALA B 78 -43.70 -5.01 -16.69
CA ALA B 78 -43.69 -6.36 -16.16
C ALA B 78 -44.99 -6.71 -15.40
N GLY B 79 -45.90 -5.76 -15.26
CA GLY B 79 -47.15 -5.99 -14.53
C GLY B 79 -47.00 -5.80 -13.04
N LEU B 80 -45.98 -5.07 -12.61
CA LEU B 80 -45.77 -4.76 -11.21
C LEU B 80 -46.19 -3.34 -10.99
N HIS B 81 -47.10 -3.13 -10.05
CA HIS B 81 -47.56 -1.79 -9.74
C HIS B 81 -47.30 -1.52 -8.27
N LEU B 82 -46.36 -0.62 -8.01
CA LEU B 82 -45.87 -0.37 -6.65
C LEU B 82 -47.01 -0.02 -5.69
N GLU B 83 -48.01 0.71 -6.20
CA GLU B 83 -49.17 1.12 -5.41
C GLU B 83 -49.99 -0.04 -4.83
N ASP B 84 -49.92 -1.20 -5.48
CA ASP B 84 -50.56 -2.41 -4.96
C ASP B 84 -49.64 -3.19 -4.03
N LEU B 85 -48.37 -2.81 -3.96
CA LEU B 85 -47.43 -3.56 -3.14
C LEU B 85 -47.38 -2.94 -1.75
N ASP B 86 -46.78 -3.63 -0.80
CA ASP B 86 -46.92 -3.15 0.55
C ASP B 86 -45.80 -2.17 0.88
N LEU B 87 -45.35 -1.35 -0.07
CA LEU B 87 -44.02 -0.71 0.08
C LEU B 87 -43.86 0.02 1.40
N LYS B 88 -42.87 -0.41 2.18
CA LYS B 88 -42.64 0.15 3.50
C LYS B 88 -41.47 1.14 3.51
N ALA B 89 -40.54 0.98 2.56
CA ALA B 89 -39.40 1.89 2.46
C ALA B 89 -38.71 1.83 1.10
N VAL B 90 -37.94 2.87 0.83
CA VAL B 90 -37.01 2.89 -0.31
C VAL B 90 -35.60 2.94 0.27
N GLY B 91 -34.79 1.94 -0.05
CA GLY B 91 -33.39 1.86 0.39
C GLY B 91 -32.46 2.33 -0.71
N HIS B 92 -31.49 3.17 -0.34
CA HIS B 92 -30.51 3.71 -1.29
C HIS B 92 -29.11 3.32 -0.89
N ARG B 93 -28.26 2.95 -1.85
CA ARG B 93 -26.80 2.92 -1.57
C ARG B 93 -26.23 4.35 -1.40
N MET B 94 -25.56 4.63 -0.27
CA MET B 94 -24.73 5.84 -0.15
C MET B 94 -23.31 5.38 0.21
N VAL B 95 -22.33 5.88 -0.49
CA VAL B 95 -20.94 5.46 -0.26
C VAL B 95 -20.30 6.10 0.98
N HIS B 96 -20.41 7.41 1.15
CA HIS B 96 -19.75 8.08 2.27
C HIS B 96 -20.75 8.91 3.08
N GLY B 97 -20.77 8.68 4.38
CA GLY B 97 -21.50 9.54 5.34
C GLY B 97 -20.58 10.20 6.36
N GLY B 98 -19.27 10.15 6.14
CA GLY B 98 -18.30 10.69 7.10
C GLY B 98 -18.46 10.10 8.48
N LYS B 99 -18.21 10.91 9.52
CA LYS B 99 -18.34 10.46 10.89
C LYS B 99 -19.79 10.36 11.37
N THR B 100 -20.67 11.20 10.80
CA THR B 100 -22.00 11.43 11.35
C THR B 100 -23.00 10.35 11.00
N PHE B 101 -22.92 9.83 9.77
CA PHE B 101 -23.86 8.84 9.30
C PHE B 101 -23.13 7.60 8.81
N TYR B 102 -23.40 6.48 9.44
CA TYR B 102 -22.91 5.19 8.94
C TYR B 102 -23.95 4.07 9.11
N LYS B 103 -24.75 4.14 10.17
CA LYS B 103 -25.83 3.18 10.35
C LYS B 103 -26.92 3.47 9.31
N PRO B 104 -27.72 2.46 8.96
CA PRO B 104 -28.87 2.73 8.10
C PRO B 104 -29.68 3.89 8.69
N SER B 105 -29.91 4.91 7.87
CA SER B 105 -30.40 6.19 8.39
C SER B 105 -31.56 6.70 7.56
N VAL B 106 -32.58 7.22 8.23
CA VAL B 106 -33.70 7.81 7.51
C VAL B 106 -33.22 9.09 6.84
N VAL B 107 -33.45 9.17 5.53
CA VAL B 107 -33.07 10.34 4.76
C VAL B 107 -33.91 11.57 5.12
N ASP B 108 -33.22 12.67 5.38
CA ASP B 108 -33.83 14.01 5.46
C ASP B 108 -32.88 15.03 4.86
N ASP B 109 -33.26 16.30 4.85
CA ASP B 109 -32.41 17.34 4.30
C ASP B 109 -31.03 17.38 4.97
N GLU B 110 -30.97 17.15 6.28
CA GLU B 110 -29.68 17.07 7.00
C GLU B 110 -28.73 16.05 6.36
N LEU B 111 -29.24 14.83 6.22
CA LEU B 111 -28.41 13.73 5.72
C LEU B 111 -27.92 14.03 4.30
N ILE B 112 -28.82 14.53 3.46
CA ILE B 112 -28.46 14.88 2.08
C ILE B 112 -27.39 15.98 2.05
N ALA B 113 -27.50 16.97 2.93
CA ALA B 113 -26.51 18.04 3.02
C ALA B 113 -25.11 17.52 3.40
N LYS B 114 -25.07 16.55 4.30
CA LYS B 114 -23.80 15.98 4.73
C LYS B 114 -23.22 15.13 3.59
N ALA B 115 -24.05 14.31 2.94
CA ALA B 115 -23.60 13.51 1.79
C ALA B 115 -23.03 14.39 0.67
N ARG B 116 -23.67 15.54 0.43
CA ARG B 116 -23.18 16.50 -0.55
C ARG B 116 -21.83 17.07 -0.12
N GLU B 117 -21.71 17.40 1.16
CA GLU B 117 -20.47 17.97 1.69
C GLU B 117 -19.31 16.99 1.46
N LEU B 118 -19.61 15.73 1.63
CA LEU B 118 -18.65 14.64 1.53
C LEU B 118 -18.47 14.13 0.11
N SER B 119 -19.21 14.65 -0.86
CA SER B 119 -19.06 14.17 -2.25
C SER B 119 -17.63 14.21 -2.77
N PRO B 120 -16.83 15.24 -2.43
CA PRO B 120 -15.46 15.19 -2.90
C PRO B 120 -14.61 14.02 -2.35
N LEU B 121 -15.03 13.35 -1.27
CA LEU B 121 -14.35 12.13 -0.77
C LEU B 121 -14.74 10.90 -1.55
N ALA B 122 -15.84 10.98 -2.28
CA ALA B 122 -16.33 9.85 -3.09
C ALA B 122 -17.01 10.43 -4.31
N PRO B 123 -16.22 11.10 -5.17
CA PRO B 123 -16.79 11.88 -6.29
C PRO B 123 -17.45 11.08 -7.41
N LEU B 124 -17.13 9.80 -7.51
CA LEU B 124 -17.77 8.93 -8.51
C LEU B 124 -19.06 8.32 -8.02
N HIS B 125 -19.36 8.46 -6.73
CA HIS B 125 -20.47 7.70 -6.16
C HIS B 125 -21.47 8.51 -5.39
N ASN B 126 -20.99 9.40 -4.54
CA ASN B 126 -21.92 10.16 -3.71
C ASN B 126 -22.84 11.06 -4.58
N PRO B 127 -22.29 11.76 -5.58
CA PRO B 127 -23.18 12.61 -6.39
C PRO B 127 -24.36 11.87 -7.06
N PRO B 128 -24.11 10.75 -7.79
CA PRO B 128 -25.29 10.11 -8.41
C PRO B 128 -26.21 9.45 -7.42
N ALA B 129 -25.67 9.08 -6.26
CA ALA B 129 -26.50 8.48 -5.20
C ALA B 129 -27.49 9.54 -4.70
N ILE B 130 -26.98 10.74 -4.46
CA ILE B 130 -27.81 11.85 -4.04
C ILE B 130 -28.88 12.15 -5.08
N LYS B 131 -28.52 12.11 -6.36
CA LYS B 131 -29.50 12.38 -7.41
C LYS B 131 -30.58 11.29 -7.45
N GLY B 132 -30.19 10.03 -7.21
CA GLY B 132 -31.11 8.92 -7.04
C GLY B 132 -32.12 9.17 -5.91
N ILE B 133 -31.60 9.63 -4.76
CA ILE B 133 -32.46 10.00 -3.64
C ILE B 133 -33.43 11.14 -4.06
N GLU B 134 -32.88 12.16 -4.69
CA GLU B 134 -33.65 13.34 -5.06
C GLU B 134 -34.86 12.99 -5.94
N VAL B 135 -34.66 12.17 -6.97
CA VAL B 135 -35.78 11.77 -7.84
C VAL B 135 -36.73 10.83 -7.11
N ALA B 136 -36.19 9.93 -6.30
CA ALA B 136 -37.04 8.97 -5.57
C ALA B 136 -37.95 9.65 -4.55
N ARG B 137 -37.45 10.67 -3.87
CA ARG B 137 -38.26 11.42 -2.91
CA ARG B 137 -38.26 11.42 -2.90
C ARG B 137 -39.33 12.27 -3.59
N LYS B 138 -39.14 12.56 -4.89
CA LYS B 138 -40.15 13.29 -5.66
C LYS B 138 -41.26 12.34 -6.11
N LEU B 139 -40.88 11.15 -6.56
CA LEU B 139 -41.83 10.14 -7.00
C LEU B 139 -42.54 9.43 -5.85
N LEU B 140 -41.87 9.29 -4.72
CA LEU B 140 -42.45 8.57 -3.58
C LEU B 140 -42.25 9.36 -2.29
N PRO B 141 -42.91 10.52 -2.18
CA PRO B 141 -42.67 11.46 -1.08
C PRO B 141 -43.19 11.01 0.27
N ASP B 142 -44.06 10.02 0.29
CA ASP B 142 -44.71 9.58 1.52
C ASP B 142 -44.17 8.27 2.08
N LEU B 143 -43.11 7.71 1.48
CA LEU B 143 -42.44 6.56 2.10
C LEU B 143 -41.18 7.05 2.79
N PRO B 144 -40.72 6.33 3.82
CA PRO B 144 -39.36 6.57 4.32
C PRO B 144 -38.33 6.16 3.29
N HIS B 145 -37.29 6.99 3.14
CA HIS B 145 -36.13 6.69 2.31
C HIS B 145 -34.99 6.48 3.25
N ILE B 146 -34.30 5.35 3.07
CA ILE B 146 -33.27 4.94 4.01
C ILE B 146 -31.96 4.86 3.25
N ALA B 147 -30.94 5.56 3.75
CA ALA B 147 -29.57 5.43 3.21
C ALA B 147 -28.82 4.29 3.91
N VAL B 148 -28.23 3.38 3.12
CA VAL B 148 -27.42 2.28 3.64
C VAL B 148 -25.98 2.54 3.16
N PHE B 149 -25.06 2.64 4.10
CA PHE B 149 -23.70 3.17 3.86
C PHE B 149 -22.65 2.10 3.68
N ASP B 150 -21.75 2.35 2.72
CA ASP B 150 -20.66 1.41 2.45
C ASP B 150 -19.67 1.30 3.62
N THR B 151 -19.65 2.28 4.50
CA THR B 151 -18.67 2.39 5.57
C THR B 151 -19.05 1.64 6.85
N ALA B 152 -20.32 1.28 6.97
CA ALA B 152 -20.89 0.82 8.23
C ALA B 152 -20.15 -0.39 8.78
N PHE B 153 -19.86 -1.37 7.90
CA PHE B 153 -19.26 -2.63 8.33
C PHE B 153 -17.85 -2.43 8.90
N PHE B 154 -17.22 -1.32 8.52
CA PHE B 154 -15.88 -1.00 8.95
C PHE B 154 -15.78 0.01 10.08
N HIS B 155 -16.91 0.35 10.68
CA HIS B 155 -16.91 1.41 11.70
C HIS B 155 -16.01 1.03 12.86
N ASP B 156 -15.98 -0.25 13.19
CA ASP B 156 -15.24 -0.69 14.36
C ASP B 156 -13.91 -1.36 14.02
N LEU B 157 -13.32 -0.96 12.89
CA LEU B 157 -11.97 -1.43 12.58
C LEU B 157 -11.06 -1.12 13.76
N PRO B 158 -10.17 -2.05 14.08
CA PRO B 158 -9.15 -1.74 15.13
C PRO B 158 -8.35 -0.48 14.80
N ALA B 159 -8.08 0.35 15.80
CA ALA B 159 -7.28 1.58 15.56
C ALA B 159 -5.95 1.36 14.82
N PRO B 160 -5.20 0.28 15.12
CA PRO B 160 -3.95 0.12 14.37
C PRO B 160 -4.16 -0.12 12.87
N ALA B 161 -5.34 -0.57 12.48
CA ALA B 161 -5.70 -0.78 11.07
C ALA B 161 -6.32 0.46 10.41
N SER B 162 -6.89 1.37 11.18
CA SER B 162 -7.57 2.51 10.60
C SER B 162 -6.85 3.85 10.74
N THR B 163 -5.74 3.85 11.45
CA THR B 163 -5.01 5.08 11.73
C THR B 163 -3.82 5.19 10.81
N TYR B 164 -3.81 6.24 9.97
CA TYR B 164 -2.66 6.51 9.12
C TYR B 164 -1.52 7.03 9.97
N ALA B 165 -0.31 6.81 9.51
CA ALA B 165 0.88 7.24 10.25
C ALA B 165 1.25 8.66 9.88
N ILE B 166 0.35 9.56 10.26
CA ILE B 166 0.55 10.98 10.05
C ILE B 166 0.41 11.75 11.36
N ASP B 167 0.79 13.01 11.29
CA ASP B 167 0.62 13.97 12.42
C ASP B 167 -0.74 13.73 13.08
N ARG B 168 -0.70 13.29 14.33
CA ARG B 168 -1.91 12.84 15.03
C ARG B 168 -2.90 13.98 15.24
N GLU B 169 -2.37 15.13 15.60
CA GLU B 169 -3.24 16.30 15.86
C GLU B 169 -3.95 16.69 14.57
N LEU B 170 -3.18 16.71 13.48
CA LEU B 170 -3.76 17.01 12.17
C LEU B 170 -4.84 16.00 11.77
N ALA B 171 -4.55 14.72 11.92
CA ALA B 171 -5.51 13.68 11.58
C ALA B 171 -6.84 13.86 12.33
N GLU B 172 -6.75 13.99 13.63
CA GLU B 172 -7.94 14.12 14.47
C GLU B 172 -8.70 15.43 14.20
N THR B 173 -7.98 16.49 13.89
CA THR B 173 -8.58 17.79 13.59
C THR B 173 -9.52 17.69 12.38
N TRP B 174 -9.13 16.92 11.35
CA TRP B 174 -9.86 16.77 10.09
C TRP B 174 -10.56 15.40 9.93
N HIS B 175 -10.55 14.62 11.01
CA HIS B 175 -11.24 13.32 11.06
C HIS B 175 -10.74 12.36 9.98
N ILE B 176 -9.42 12.34 9.82
CA ILE B 176 -8.78 11.48 8.84
C ILE B 176 -8.57 10.09 9.43
N LYS B 177 -9.16 9.08 8.80
CA LYS B 177 -8.96 7.68 9.18
C LYS B 177 -9.38 6.83 8.00
N ARG B 178 -9.11 5.54 8.09
CA ARG B 178 -9.60 4.59 7.09
C ARG B 178 -11.06 4.31 7.38
N TYR B 179 -11.93 4.69 6.47
CA TYR B 179 -13.35 4.35 6.52
C TYR B 179 -13.64 2.98 5.93
N GLY B 180 -13.14 2.72 4.72
CA GLY B 180 -13.46 1.48 4.02
C GLY B 180 -14.78 1.56 3.31
N PHE B 181 -14.92 0.80 2.22
CA PHE B 181 -16.15 0.82 1.39
C PHE B 181 -16.45 -0.56 0.89
N HIS B 182 -17.55 -0.71 0.15
CA HIS B 182 -18.12 -2.01 -0.19
C HIS B 182 -18.51 -2.80 1.07
N GLY B 183 -18.79 -2.10 2.17
CA GLY B 183 -19.05 -2.80 3.45
C GLY B 183 -20.23 -3.75 3.40
N THR B 184 -21.28 -3.41 2.65
CA THR B 184 -22.46 -4.31 2.62
C THR B 184 -22.13 -5.62 1.89
N SER B 185 -21.23 -5.55 0.91
CA SER B 185 -20.75 -6.76 0.23
C SER B 185 -19.80 -7.60 1.08
N HIS B 186 -18.84 -6.96 1.73
CA HIS B 186 -17.92 -7.68 2.58
C HIS B 186 -18.66 -8.37 3.72
N GLU B 187 -19.61 -7.65 4.30
CA GLU B 187 -20.46 -8.19 5.37
C GLU B 187 -21.29 -9.37 4.87
N TYR B 188 -22.08 -9.15 3.82
CA TYR B 188 -22.93 -10.18 3.27
C TYR B 188 -22.15 -11.43 2.88
N VAL B 189 -21.04 -11.26 2.17
CA VAL B 189 -20.26 -12.39 1.73
C VAL B 189 -19.62 -13.17 2.89
N SER B 190 -19.10 -12.46 3.89
CA SER B 190 -18.51 -13.11 5.06
C SER B 190 -19.59 -13.91 5.79
N GLN B 191 -20.82 -13.41 5.85
CA GLN B 191 -21.93 -14.15 6.49
C GLN B 191 -22.28 -15.39 5.68
N GLN B 192 -22.37 -15.23 4.37
CA GLN B 192 -22.74 -16.30 3.45
C GLN B 192 -21.68 -17.38 3.26
N ALA B 193 -20.41 -17.02 3.43
CA ALA B 193 -19.36 -18.05 3.39
C ALA B 193 -19.44 -19.01 4.60
N ALA B 194 -19.66 -18.45 5.79
CA ALA B 194 -19.88 -19.23 7.03
C ALA B 194 -21.03 -20.22 6.80
N ILE B 195 -22.13 -19.69 6.28
CA ILE B 195 -23.33 -20.50 6.03
C ILE B 195 -23.04 -21.60 5.01
N PHE B 196 -22.41 -21.24 3.89
CA PHE B 196 -22.03 -22.24 2.90
C PHE B 196 -21.19 -23.37 3.52
N LEU B 197 -20.29 -23.02 4.46
CA LEU B 197 -19.45 -24.02 5.12
C LEU B 197 -20.13 -24.64 6.35
N ASP B 198 -21.36 -24.22 6.65
CA ASP B 198 -22.05 -24.66 7.87
C ASP B 198 -21.13 -24.62 9.09
N ARG B 199 -20.35 -23.53 9.20
CA ARG B 199 -19.51 -23.30 10.35
C ARG B 199 -19.84 -21.94 10.96
N PRO B 200 -19.67 -21.80 12.28
CA PRO B 200 -20.11 -20.55 12.91
C PRO B 200 -19.29 -19.36 12.45
N LEU B 201 -19.97 -18.27 12.13
CA LEU B 201 -19.30 -17.05 11.67
C LEU B 201 -18.19 -16.61 12.62
N GLU B 202 -18.41 -16.76 13.93
CA GLU B 202 -17.49 -16.28 14.93
C GLU B 202 -16.21 -17.11 15.00
N SER B 203 -16.24 -18.32 14.40
CA SER B 203 -15.12 -19.21 14.42
C SER B 203 -14.21 -19.05 13.22
N LEU B 204 -14.55 -18.19 12.27
CA LEU B 204 -13.83 -18.17 11.00
C LEU B 204 -12.99 -16.91 10.81
N ASN B 205 -11.75 -17.09 10.36
CA ASN B 205 -10.97 -15.97 9.86
C ASN B 205 -11.03 -15.99 8.33
N GLN B 206 -11.46 -14.89 7.75
CA GLN B 206 -11.76 -14.87 6.33
C GLN B 206 -11.16 -13.69 5.61
N ILE B 207 -10.83 -13.93 4.35
CA ILE B 207 -10.56 -12.84 3.42
C ILE B 207 -11.70 -12.77 2.38
N VAL B 208 -12.19 -11.57 2.12
CA VAL B 208 -13.21 -11.37 1.06
C VAL B 208 -12.62 -10.41 0.01
N LEU B 209 -12.71 -10.85 -1.24
CA LEU B 209 -12.21 -10.10 -2.38
C LEU B 209 -13.36 -9.63 -3.25
N HIS B 210 -13.74 -8.37 -3.10
CA HIS B 210 -14.78 -7.76 -3.87
C HIS B 210 -14.14 -7.20 -5.13
N LEU B 211 -14.15 -7.97 -6.22
CA LEU B 211 -13.53 -7.52 -7.44
C LEU B 211 -14.59 -7.14 -8.46
N GLY B 212 -14.92 -5.86 -8.48
CA GLY B 212 -15.88 -5.31 -9.47
C GLY B 212 -15.28 -4.11 -10.16
N ASN B 213 -16.12 -3.17 -10.58
CA ASN B 213 -15.63 -1.92 -11.16
C ASN B 213 -14.75 -1.21 -10.14
N GLY B 214 -15.27 -1.06 -8.92
CA GLY B 214 -14.43 -0.76 -7.76
C GLY B 214 -13.93 -2.09 -7.21
N ALA B 215 -12.74 -2.11 -6.63
CA ALA B 215 -12.21 -3.36 -6.10
C ALA B 215 -11.65 -3.14 -4.73
N SER B 216 -12.09 -3.98 -3.80
CA SER B 216 -11.57 -3.96 -2.45
C SER B 216 -11.49 -5.35 -1.82
N ALA B 217 -10.53 -5.45 -0.91
CA ALA B 217 -10.32 -6.63 -0.05
C ALA B 217 -10.68 -6.32 1.37
N SER B 218 -11.12 -7.34 2.10
CA SER B 218 -11.29 -7.25 3.55
C SER B 218 -10.73 -8.49 4.26
N ALA B 219 -10.36 -8.28 5.51
CA ALA B 219 -10.00 -9.34 6.46
C ALA B 219 -11.05 -9.31 7.55
N VAL B 220 -11.65 -10.46 7.83
CA VAL B 220 -12.78 -10.55 8.75
C VAL B 220 -12.45 -11.66 9.76
N ALA B 221 -12.37 -11.27 11.03
CA ALA B 221 -11.98 -12.18 12.11
C ALA B 221 -13.18 -12.43 12.97
N GLY B 222 -13.68 -13.67 12.92
CA GLY B 222 -14.92 -14.02 13.64
C GLY B 222 -16.10 -13.10 13.40
N GLY B 223 -16.29 -12.68 12.16
CA GLY B 223 -17.42 -11.83 11.71
C GLY B 223 -17.18 -10.33 11.75
N LYS B 224 -16.10 -9.93 12.41
CA LYS B 224 -15.69 -8.53 12.60
C LYS B 224 -14.58 -8.14 11.63
N ALA B 225 -14.81 -7.07 10.89
CA ALA B 225 -13.79 -6.51 10.03
C ALA B 225 -12.57 -6.07 10.84
N VAL B 226 -11.40 -6.51 10.41
CA VAL B 226 -10.15 -6.12 11.03
C VAL B 226 -9.22 -5.38 10.07
N ASP B 227 -9.46 -5.49 8.76
CA ASP B 227 -8.74 -4.64 7.83
C ASP B 227 -9.53 -4.55 6.53
N THR B 228 -9.27 -3.50 5.79
CA THR B 228 -9.83 -3.40 4.43
C THR B 228 -8.99 -2.46 3.60
N SER B 229 -9.12 -2.54 2.29
CA SER B 229 -8.08 -1.94 1.44
C SER B 229 -8.35 -0.50 1.01
N MET B 230 -9.60 -0.12 0.87
CA MET B 230 -9.94 1.29 0.62
C MET B 230 -9.75 2.10 1.89
N GLY B 231 -9.74 3.42 1.75
CA GLY B 231 -9.14 4.30 2.76
C GLY B 231 -10.13 5.31 3.32
N LEU B 232 -9.67 6.55 3.50
CA LEU B 232 -10.57 7.67 3.74
C LEU B 232 -11.57 7.78 2.61
N THR B 233 -11.06 7.43 1.42
CA THR B 233 -11.80 7.46 0.18
C THR B 233 -11.70 6.11 -0.54
N PRO B 234 -12.52 5.93 -1.60
CA PRO B 234 -12.41 4.69 -2.38
C PRO B 234 -11.21 4.62 -3.30
N MET B 235 -10.18 5.45 -3.11
CA MET B 235 -9.04 5.47 -4.00
C MET B 235 -7.92 4.48 -3.60
N GLU B 236 -7.91 4.05 -2.35
CA GLU B 236 -6.78 3.24 -1.86
C GLU B 236 -7.01 1.77 -2.22
N GLY B 237 -5.93 1.04 -2.40
CA GLY B 237 -5.90 -0.41 -2.35
C GLY B 237 -5.64 -1.11 -3.66
N LEU B 238 -6.58 -1.96 -4.04
CA LEU B 238 -6.46 -2.79 -5.25
C LEU B 238 -6.50 -1.95 -6.51
N VAL B 239 -5.98 -2.51 -7.59
CA VAL B 239 -6.21 -1.93 -8.92
C VAL B 239 -7.68 -2.15 -9.29
N MET B 240 -8.31 -1.15 -9.91
CA MET B 240 -9.72 -1.18 -10.24
C MET B 240 -9.96 -0.88 -11.72
N GLY B 241 -11.25 -0.76 -12.08
CA GLY B 241 -11.60 -0.53 -13.47
C GLY B 241 -11.00 0.72 -14.07
N THR B 242 -11.12 1.84 -13.36
CA THR B 242 -10.55 3.09 -13.79
C THR B 242 -9.68 3.80 -12.71
N ARG B 243 -9.58 3.17 -11.53
CA ARG B 243 -8.86 3.69 -10.38
C ARG B 243 -7.53 2.99 -10.16
N SER B 244 -6.55 3.77 -9.74
CA SER B 244 -5.17 3.28 -9.57
C SER B 244 -5.02 2.33 -8.40
N GLY B 245 -5.86 2.47 -7.36
CA GLY B 245 -5.49 1.91 -6.07
C GLY B 245 -4.21 2.51 -5.55
N ASP B 246 -3.56 1.76 -4.69
CA ASP B 246 -2.30 2.19 -4.06
C ASP B 246 -1.32 2.87 -5.00
N ILE B 247 -0.81 4.03 -4.57
CA ILE B 247 0.24 4.68 -5.34
C ILE B 247 1.12 5.49 -4.39
N ASP B 248 2.41 5.55 -4.71
CA ASP B 248 3.40 6.32 -3.95
C ASP B 248 2.90 7.76 -3.83
N PRO B 249 2.79 8.31 -2.61
CA PRO B 249 2.37 9.70 -2.56
C PRO B 249 3.31 10.63 -3.32
N GLY B 250 4.58 10.26 -3.41
CA GLY B 250 5.54 11.01 -4.22
C GLY B 250 5.13 11.19 -5.67
N VAL B 251 4.39 10.24 -6.23
CA VAL B 251 3.91 10.41 -7.62
C VAL B 251 2.97 11.62 -7.75
N ILE B 252 2.07 11.78 -6.79
CA ILE B 252 1.16 12.90 -6.77
C ILE B 252 1.98 14.19 -6.70
N MET B 253 2.96 14.24 -5.80
CA MET B 253 3.76 15.45 -5.63
C MET B 253 4.50 15.80 -6.93
N TYR B 254 5.02 14.78 -7.59
CA TYR B 254 5.75 14.97 -8.83
C TYR B 254 4.87 15.41 -9.97
N LEU B 255 3.69 14.82 -10.11
CA LEU B 255 2.76 15.27 -11.16
C LEU B 255 2.36 16.73 -10.96
N TRP B 256 2.21 17.13 -9.72
CA TRP B 256 1.91 18.54 -9.42
C TRP B 256 3.11 19.47 -9.69
N ARG B 257 4.27 19.11 -9.16
CA ARG B 257 5.44 19.94 -9.21
C ARG B 257 6.07 20.05 -10.58
N THR B 258 6.18 18.92 -11.26
CA THR B 258 6.97 18.82 -12.48
C THR B 258 6.14 18.65 -13.74
N ALA B 259 5.09 17.83 -13.70
CA ALA B 259 4.16 17.73 -14.84
C ALA B 259 3.14 18.87 -14.89
N GLY B 260 3.08 19.69 -13.85
CA GLY B 260 2.26 20.89 -13.87
C GLY B 260 0.78 20.65 -13.82
N MET B 261 0.37 19.52 -13.28
CA MET B 261 -1.02 19.14 -13.17
C MET B 261 -1.59 19.70 -11.88
N SER B 262 -2.83 20.16 -11.94
CA SER B 262 -3.49 20.62 -10.73
C SER B 262 -3.86 19.44 -9.86
N VAL B 263 -4.08 19.71 -8.58
CA VAL B 263 -4.44 18.62 -7.66
C VAL B 263 -5.75 18.00 -8.12
N ASP B 264 -6.74 18.80 -8.51
CA ASP B 264 -8.00 18.22 -9.03
C ASP B 264 -7.74 17.31 -10.26
N ASP B 265 -6.91 17.76 -11.19
CA ASP B 265 -6.61 16.95 -12.37
C ASP B 265 -5.84 15.66 -12.02
N ILE B 266 -4.98 15.72 -11.01
CA ILE B 266 -4.30 14.48 -10.62
C ILE B 266 -5.33 13.50 -10.04
N GLU B 267 -6.19 14.00 -9.15
CA GLU B 267 -7.28 13.17 -8.61
C GLU B 267 -8.16 12.57 -9.69
N SER B 268 -8.54 13.41 -10.66
CA SER B 268 -9.34 12.94 -11.78
CA SER B 268 -9.36 12.93 -11.76
C SER B 268 -8.65 11.79 -12.51
N MET B 269 -7.36 11.96 -12.76
CA MET B 269 -6.57 10.92 -13.49
C MET B 269 -6.53 9.58 -12.71
N LEU B 270 -6.36 9.70 -11.40
CA LEU B 270 -6.28 8.55 -10.55
C LEU B 270 -7.63 7.80 -10.42
N ASN B 271 -8.72 8.53 -10.54
CA ASN B 271 -10.07 7.99 -10.43
C ASN B 271 -10.63 7.50 -11.75
N ARG B 272 -10.25 8.13 -12.84
CA ARG B 272 -10.94 7.95 -14.10
C ARG B 272 -10.05 7.53 -15.27
N ARG B 273 -8.73 7.73 -15.18
CA ARG B 273 -7.82 7.32 -16.27
C ARG B 273 -6.68 6.45 -15.75
N SER B 274 -7.01 5.59 -14.80
CA SER B 274 -6.08 4.71 -14.13
C SER B 274 -6.64 3.29 -14.16
N GLY B 275 -6.12 2.41 -13.30
CA GLY B 275 -6.57 1.05 -13.28
C GLY B 275 -6.38 0.36 -14.59
N VAL B 276 -7.26 -0.60 -14.89
CA VAL B 276 -7.22 -1.41 -16.10
CA VAL B 276 -7.05 -1.37 -16.12
C VAL B 276 -7.42 -0.57 -17.37
N LEU B 277 -8.28 0.43 -17.25
CA LEU B 277 -8.53 1.36 -18.36
C LEU B 277 -7.29 2.18 -18.68
N GLY B 278 -6.72 2.85 -17.69
CA GLY B 278 -5.62 3.73 -17.94
C GLY B 278 -4.34 3.04 -18.35
N LEU B 279 -4.08 1.87 -17.79
CA LEU B 279 -2.87 1.16 -18.05
C LEU B 279 -3.06 0.23 -19.21
N GLY B 280 -4.23 -0.40 -19.30
CA GLY B 280 -4.49 -1.51 -20.22
C GLY B 280 -5.33 -1.19 -21.42
N GLY B 281 -6.05 -0.07 -21.36
CA GLY B 281 -6.87 0.40 -22.50
C GLY B 281 -8.25 -0.21 -22.54
N ALA B 282 -8.66 -0.90 -21.47
CA ALA B 282 -9.90 -1.66 -21.51
C ALA B 282 -11.00 -1.04 -20.70
N SER B 283 -12.17 -0.84 -21.36
CA SER B 283 -13.38 -0.27 -20.73
C SER B 283 -13.92 -1.07 -19.54
N ASP B 284 -13.66 -2.37 -19.53
CA ASP B 284 -14.13 -3.28 -18.48
C ASP B 284 -13.41 -4.61 -18.62
N PHE B 285 -13.63 -5.50 -17.67
CA PHE B 285 -12.75 -6.64 -17.55
C PHE B 285 -12.94 -7.66 -18.67
N ARG B 286 -14.16 -7.81 -19.18
CA ARG B 286 -14.40 -8.68 -20.35
C ARG B 286 -13.56 -8.26 -21.55
N LYS B 287 -13.57 -6.97 -21.83
CA LYS B 287 -12.79 -6.40 -22.93
C LYS B 287 -11.30 -6.61 -22.74
N LEU B 288 -10.83 -6.48 -21.50
CA LEU B 288 -9.41 -6.66 -21.23
C LEU B 288 -8.98 -8.06 -21.62
N ARG B 289 -9.73 -9.04 -21.15
CA ARG B 289 -9.35 -10.43 -21.40
C ARG B 289 -9.36 -10.67 -22.92
N GLU B 290 -10.30 -10.04 -23.64
CA GLU B 290 -10.34 -10.13 -25.14
C GLU B 290 -9.12 -9.51 -25.83
N LEU B 291 -8.71 -8.35 -25.33
CA LEU B 291 -7.49 -7.73 -25.76
C LEU B 291 -6.28 -8.60 -25.54
N ILE B 292 -6.19 -9.24 -24.38
CA ILE B 292 -5.06 -10.09 -24.08
C ILE B 292 -5.04 -11.25 -25.06
N GLU B 293 -6.20 -11.88 -25.23
CA GLU B 293 -6.39 -12.98 -26.20
C GLU B 293 -5.99 -12.59 -27.62
N SER B 294 -6.14 -11.31 -27.95
CA SER B 294 -5.70 -10.79 -29.26
C SER B 294 -4.21 -10.38 -29.32
N GLY B 295 -3.45 -10.62 -28.24
CA GLY B 295 -2.02 -10.32 -28.23
C GLY B 295 -1.60 -8.91 -27.81
N ASP B 296 -2.53 -8.15 -27.23
CA ASP B 296 -2.24 -6.78 -26.82
C ASP B 296 -1.36 -6.82 -25.55
N GLU B 297 -0.11 -6.40 -25.69
CA GLU B 297 0.87 -6.43 -24.60
C GLU B 297 0.52 -5.43 -23.49
N HIS B 298 -0.03 -4.27 -23.88
CA HIS B 298 -0.44 -3.29 -22.87
C HIS B 298 -1.55 -3.86 -21.98
N ALA B 299 -2.52 -4.52 -22.60
CA ALA B 299 -3.57 -5.15 -21.81
C ALA B 299 -3.04 -6.26 -20.89
N LYS B 300 -2.10 -7.04 -21.40
CA LYS B 300 -1.52 -8.11 -20.60
C LYS B 300 -0.76 -7.52 -19.40
N LEU B 301 0.03 -6.47 -19.61
CA LEU B 301 0.70 -5.82 -18.46
C LEU B 301 -0.31 -5.31 -17.43
N ALA B 302 -1.40 -4.69 -17.88
CA ALA B 302 -2.40 -4.13 -16.95
C ALA B 302 -3.01 -5.26 -16.13
N TYR B 303 -3.27 -6.38 -16.79
CA TYR B 303 -3.74 -7.57 -16.07
C TYR B 303 -2.72 -8.09 -15.06
N ASP B 304 -1.46 -8.12 -15.44
CA ASP B 304 -0.43 -8.66 -14.56
C ASP B 304 -0.20 -7.72 -13.35
N VAL B 305 -0.33 -6.43 -13.59
CA VAL B 305 -0.26 -5.44 -12.52
C VAL B 305 -1.44 -5.60 -11.57
N TYR B 306 -2.64 -5.79 -12.13
CA TYR B 306 -3.81 -6.05 -11.32
C TYR B 306 -3.63 -7.29 -10.42
N ILE B 307 -3.16 -8.40 -10.99
CA ILE B 307 -2.97 -9.63 -10.23
C ILE B 307 -1.85 -9.47 -9.17
N HIS B 308 -0.79 -8.75 -9.52
CA HIS B 308 0.34 -8.60 -8.61
C HIS B 308 -0.16 -7.87 -7.34
N ARG B 309 -0.97 -6.86 -7.55
CA ARG B 309 -1.52 -6.06 -6.42
C ARG B 309 -2.41 -6.96 -5.56
N LEU B 310 -3.21 -7.77 -6.22
CA LEU B 310 -4.20 -8.63 -5.56
C LEU B 310 -3.50 -9.73 -4.73
N ARG B 311 -2.45 -10.32 -5.33
CA ARG B 311 -1.61 -11.29 -4.60
C ARG B 311 -1.06 -10.67 -3.32
N LYS B 312 -0.57 -9.44 -3.41
CA LYS B 312 0.00 -8.76 -2.25
C LYS B 312 -1.07 -8.52 -1.16
N TYR B 313 -2.27 -8.08 -1.52
CA TYR B 313 -3.33 -7.92 -0.50
C TYR B 313 -3.78 -9.24 0.17
N ILE B 314 -3.82 -10.31 -0.61
CA ILE B 314 -4.18 -11.61 -0.05
C ILE B 314 -3.11 -12.04 0.97
N GLY B 315 -1.82 -11.94 0.60
CA GLY B 315 -0.75 -12.33 1.52
C GLY B 315 -0.78 -11.43 2.76
N ALA B 316 -0.95 -10.13 2.52
CA ALA B 316 -0.97 -9.14 3.59
C ALA B 316 -2.07 -9.49 4.60
N TYR B 317 -3.23 -9.80 4.09
CA TYR B 317 -4.36 -10.09 4.99
C TYR B 317 -4.28 -11.48 5.66
N MET B 318 -3.64 -12.44 5.00
CA MET B 318 -3.28 -13.69 5.71
C MET B 318 -2.39 -13.40 6.94
N ALA B 319 -1.44 -12.50 6.79
CA ALA B 319 -0.60 -12.12 7.93
C ALA B 319 -1.40 -11.39 9.02
N VAL B 320 -2.31 -10.51 8.63
CA VAL B 320 -3.17 -9.80 9.59
C VAL B 320 -3.98 -10.82 10.40
N LEU B 321 -4.55 -11.79 9.72
CA LEU B 321 -5.39 -12.80 10.39
C LEU B 321 -4.62 -13.83 11.21
N GLY B 322 -3.42 -14.18 10.73
CA GLY B 322 -2.54 -15.14 11.40
C GLY B 322 -2.89 -16.52 10.91
N ARG B 323 -4.09 -16.96 11.25
CA ARG B 323 -4.71 -18.17 10.67
C ARG B 323 -5.80 -17.72 9.71
N THR B 324 -5.78 -18.24 8.48
CA THR B 324 -6.82 -17.93 7.50
C THR B 324 -7.59 -19.21 7.15
N ASP B 325 -8.89 -19.16 7.39
CA ASP B 325 -9.77 -20.31 7.15
C ASP B 325 -10.35 -20.33 5.77
N VAL B 326 -10.74 -19.14 5.27
CA VAL B 326 -11.51 -19.05 4.03
C VAL B 326 -11.10 -17.81 3.26
N ILE B 327 -10.94 -17.96 1.95
CA ILE B 327 -10.84 -16.82 1.01
C ILE B 327 -12.05 -16.90 0.07
N SER B 328 -12.82 -15.81 -0.06
CA SER B 328 -13.94 -15.78 -0.97
C SER B 328 -13.84 -14.65 -2.01
N PHE B 329 -14.12 -15.00 -3.26
CA PHE B 329 -14.16 -14.06 -4.38
C PHE B 329 -15.59 -13.65 -4.65
N THR B 330 -15.78 -12.38 -4.94
CA THR B 330 -17.10 -11.84 -5.20
C THR B 330 -17.07 -10.63 -6.13
N ALA B 331 -18.27 -10.15 -6.49
CA ALA B 331 -18.55 -9.06 -7.42
C ALA B 331 -18.28 -9.48 -8.87
N GLY B 332 -18.42 -8.56 -9.82
CA GLY B 332 -18.41 -8.91 -11.24
C GLY B 332 -17.28 -9.76 -11.72
N VAL B 333 -16.06 -9.36 -11.41
CA VAL B 333 -14.90 -10.12 -11.82
C VAL B 333 -14.71 -11.35 -10.94
N GLY B 334 -14.83 -11.20 -9.63
CA GLY B 334 -14.61 -12.31 -8.71
C GLY B 334 -15.56 -13.48 -8.98
N GLU B 335 -16.79 -13.17 -9.36
CA GLU B 335 -17.81 -14.19 -9.56
C GLU B 335 -17.68 -14.89 -10.93
N ASN B 336 -17.09 -14.22 -11.91
CA ASN B 336 -17.21 -14.64 -13.31
C ASN B 336 -15.95 -14.87 -14.09
N VAL B 337 -14.79 -14.65 -13.48
CA VAL B 337 -13.55 -14.75 -14.25
C VAL B 337 -12.58 -15.72 -13.62
N PRO B 338 -12.66 -17.00 -14.00
CA PRO B 338 -11.79 -18.00 -13.36
C PRO B 338 -10.29 -17.67 -13.36
N PRO B 339 -9.78 -17.14 -14.47
CA PRO B 339 -8.32 -16.87 -14.49
C PRO B 339 -7.85 -15.90 -13.41
N VAL B 340 -8.65 -14.91 -13.07
CA VAL B 340 -8.29 -14.00 -11.96
C VAL B 340 -8.09 -14.78 -10.67
N ARG B 341 -8.98 -15.72 -10.40
CA ARG B 341 -8.97 -16.46 -9.12
C ARG B 341 -7.76 -17.40 -9.11
N ARG B 342 -7.52 -18.06 -10.25
CA ARG B 342 -6.38 -18.93 -10.44
CA ARG B 342 -6.40 -18.93 -10.40
C ARG B 342 -5.08 -18.17 -10.25
N ASP B 343 -4.96 -17.06 -10.96
CA ASP B 343 -3.74 -16.28 -11.01
C ASP B 343 -3.44 -15.56 -9.70
N ALA B 344 -4.48 -15.09 -9.02
CA ALA B 344 -4.35 -14.50 -7.69
C ALA B 344 -3.72 -15.47 -6.67
N LEU B 345 -3.95 -16.76 -6.85
CA LEU B 345 -3.61 -17.76 -5.84
C LEU B 345 -2.60 -18.78 -6.30
N ALA B 346 -2.07 -18.60 -7.49
CA ALA B 346 -1.11 -19.57 -8.04
C ALA B 346 0.18 -19.61 -7.25
N GLY B 347 0.77 -20.79 -7.07
CA GLY B 347 2.05 -20.87 -6.44
C GLY B 347 2.07 -20.67 -4.93
N LEU B 348 0.91 -20.78 -4.26
CA LEU B 348 0.79 -20.50 -2.81
C LEU B 348 0.56 -21.76 -1.98
N GLY B 349 1.00 -22.90 -2.50
CA GLY B 349 0.98 -24.13 -1.73
C GLY B 349 1.60 -23.97 -0.35
N GLY B 350 2.69 -23.23 -0.27
CA GLY B 350 3.39 -22.98 0.99
C GLY B 350 2.69 -22.07 1.97
N LEU B 351 1.63 -21.40 1.50
CA LEU B 351 0.72 -20.68 2.38
C LEU B 351 -0.56 -21.47 2.64
N GLY B 352 -0.63 -22.74 2.21
CA GLY B 352 -1.79 -23.56 2.47
C GLY B 352 -2.95 -23.43 1.49
N ILE B 353 -2.69 -22.94 0.28
CA ILE B 353 -3.73 -22.66 -0.71
C ILE B 353 -3.49 -23.45 -1.98
N GLU B 354 -4.52 -24.15 -2.42
CA GLU B 354 -4.46 -24.86 -3.69
C GLU B 354 -5.81 -24.80 -4.38
N ILE B 355 -5.82 -24.19 -5.57
CA ILE B 355 -6.99 -24.17 -6.44
C ILE B 355 -7.19 -25.48 -7.17
N ASP B 356 -8.45 -25.93 -7.20
CA ASP B 356 -8.91 -27.05 -8.04
C ASP B 356 -9.34 -26.42 -9.36
N ASP B 357 -8.59 -26.70 -10.43
CA ASP B 357 -8.84 -26.03 -11.70
C ASP B 357 -10.17 -26.39 -12.34
N ALA B 358 -10.58 -27.66 -12.21
CA ALA B 358 -11.88 -28.08 -12.73
C ALA B 358 -13.02 -27.37 -11.99
N LEU B 359 -12.93 -27.31 -10.68
CA LEU B 359 -13.93 -26.59 -9.89
C LEU B 359 -13.91 -25.09 -10.21
N ASN B 360 -12.71 -24.52 -10.32
CA ASN B 360 -12.61 -23.10 -10.59
C ASN B 360 -13.22 -22.70 -11.94
N SER B 361 -13.10 -23.60 -12.92
CA SER B 361 -13.57 -23.33 -14.28
C SER B 361 -15.04 -23.66 -14.51
N ALA B 362 -15.67 -24.36 -13.57
CA ALA B 362 -17.08 -24.70 -13.66
C ALA B 362 -17.94 -23.50 -14.02
N LYS B 363 -18.87 -23.74 -14.94
CA LYS B 363 -19.88 -22.76 -15.29
C LYS B 363 -20.91 -22.86 -14.19
N SER B 364 -21.09 -21.79 -13.43
CA SER B 364 -21.96 -21.81 -12.24
C SER B 364 -22.09 -20.39 -11.73
N ASP B 365 -23.28 -20.09 -11.20
CA ASP B 365 -23.55 -18.81 -10.55
C ASP B 365 -23.84 -19.00 -9.07
N GLU B 366 -23.53 -20.17 -8.53
CA GLU B 366 -23.89 -20.47 -7.16
C GLU B 366 -22.69 -20.34 -6.24
N PRO B 367 -22.94 -20.04 -4.95
CA PRO B 367 -21.87 -20.17 -3.96
C PRO B 367 -21.27 -21.56 -4.09
N ARG B 368 -19.94 -21.63 -4.09
CA ARG B 368 -19.26 -22.85 -4.50
C ARG B 368 -17.78 -22.89 -4.11
N LEU B 369 -17.28 -24.10 -3.96
CA LEU B 369 -15.91 -24.38 -3.61
C LEU B 369 -15.04 -24.37 -4.86
N ILE B 370 -13.87 -23.73 -4.76
CA ILE B 370 -12.88 -23.82 -5.83
C ILE B 370 -11.52 -24.34 -5.41
N SER B 371 -11.34 -24.73 -4.15
CA SER B 371 -10.05 -25.26 -3.71
C SER B 371 -10.11 -26.79 -3.69
N THR B 372 -8.95 -27.39 -3.72
CA THR B 372 -8.80 -28.85 -3.63
C THR B 372 -9.08 -29.37 -2.23
N PRO B 373 -9.39 -30.69 -2.09
CA PRO B 373 -9.64 -31.24 -0.76
C PRO B 373 -8.48 -31.03 0.24
N ASP B 374 -7.24 -31.03 -0.24
CA ASP B 374 -6.09 -30.90 0.65
C ASP B 374 -5.66 -29.46 0.89
N SER B 375 -6.36 -28.50 0.30
CA SER B 375 -6.06 -27.10 0.54
C SER B 375 -6.39 -26.78 1.98
N ARG B 376 -5.41 -26.31 2.75
CA ARG B 376 -5.64 -25.99 4.15
C ARG B 376 -6.60 -24.81 4.29
N VAL B 377 -6.45 -23.85 3.39
CA VAL B 377 -7.36 -22.70 3.28
C VAL B 377 -8.48 -23.04 2.29
N THR B 378 -9.73 -22.82 2.70
CA THR B 378 -10.85 -23.08 1.82
C THR B 378 -11.07 -21.86 0.93
N VAL B 379 -11.21 -22.08 -0.37
CA VAL B 379 -11.39 -20.95 -1.32
C VAL B 379 -12.74 -21.08 -1.96
N LEU B 380 -13.52 -20.01 -1.91
CA LEU B 380 -14.88 -20.00 -2.43
C LEU B 380 -15.16 -18.90 -3.45
N VAL B 381 -16.19 -19.12 -4.25
CA VAL B 381 -16.86 -18.04 -4.92
C VAL B 381 -18.19 -17.87 -4.19
N VAL B 382 -18.48 -16.65 -3.75
CA VAL B 382 -19.71 -16.36 -3.02
C VAL B 382 -20.30 -15.08 -3.59
N PRO B 383 -21.31 -15.21 -4.46
CA PRO B 383 -21.89 -14.03 -5.09
C PRO B 383 -22.45 -13.01 -4.10
N THR B 384 -22.21 -11.74 -4.44
CA THR B 384 -22.73 -10.61 -3.70
C THR B 384 -24.19 -10.40 -4.05
N ASN B 385 -24.94 -9.87 -3.10
CA ASN B 385 -26.34 -9.49 -3.34
C ASN B 385 -26.66 -8.17 -2.64
N GLU B 386 -26.24 -7.08 -3.26
CA GLU B 386 -26.36 -5.78 -2.64
C GLU B 386 -27.81 -5.43 -2.39
N GLU B 387 -28.67 -5.81 -3.33
CA GLU B 387 -30.09 -5.46 -3.25
C GLU B 387 -30.77 -6.13 -2.06
N LEU B 388 -30.43 -7.38 -1.84
CA LEU B 388 -30.94 -8.09 -0.66
C LEU B 388 -30.38 -7.47 0.61
N ALA B 389 -29.09 -7.11 0.59
CA ALA B 389 -28.49 -6.51 1.78
C ALA B 389 -29.10 -5.15 2.17
N ILE B 390 -29.30 -4.29 1.19
CA ILE B 390 -29.91 -2.98 1.43
C ILE B 390 -31.35 -3.19 1.92
N ALA B 391 -32.08 -4.10 1.27
CA ALA B 391 -33.46 -4.36 1.69
C ALA B 391 -33.55 -4.75 3.16
N ARG B 392 -32.71 -5.69 3.56
CA ARG B 392 -32.73 -6.13 4.95
C ARG B 392 -32.30 -5.02 5.88
N ALA B 393 -31.43 -4.12 5.43
CA ALA B 393 -30.92 -3.07 6.31
C ALA B 393 -31.96 -2.00 6.54
N CYS B 394 -32.96 -1.92 5.66
CA CYS B 394 -34.09 -0.99 5.86
C CYS B 394 -35.02 -1.40 6.99
N VAL B 395 -35.15 -2.70 7.24
CA VAL B 395 -36.12 -3.21 8.20
C VAL B 395 -35.90 -2.64 9.61
N GLY B 396 -36.95 -2.04 10.17
CA GLY B 396 -36.91 -1.56 11.55
C GLY B 396 -36.41 -0.15 11.72
N VAL B 397 -35.82 0.46 10.68
CA VAL B 397 -35.15 1.75 10.85
C VAL B 397 -36.16 2.86 11.19
S SO4 C . 17.54 6.48 5.38
O1 SO4 C . 17.31 5.71 6.60
O2 SO4 C . 16.35 7.30 5.11
O3 SO4 C . 18.72 7.36 5.52
O4 SO4 C . 17.82 5.55 4.26
P AMP D . 19.39 3.53 11.03
O1P AMP D . 18.67 4.51 10.12
O2P AMP D . 20.56 4.18 11.75
O3P AMP D . 19.66 2.22 10.39
O5' AMP D . 18.40 3.21 12.25
C5' AMP D . 17.86 4.33 12.96
C4' AMP D . 16.77 3.92 13.95
O4' AMP D . 17.18 2.74 14.65
C3' AMP D . 16.50 4.98 15.03
O3' AMP D . 15.11 5.13 15.29
C2' AMP D . 17.17 4.45 16.28
O2' AMP D . 16.64 4.94 17.53
C1' AMP D . 16.93 2.96 16.05
N9 AMP D . 17.83 2.19 16.92
C8 AMP D . 19.16 2.03 16.70
N7 AMP D . 19.68 1.30 17.72
C5 AMP D . 18.68 1.02 18.59
C6 AMP D . 18.56 0.29 19.87
N6 AMP D . 19.65 -0.29 20.43
N1 AMP D . 17.35 0.25 20.46
C2 AMP D . 16.26 0.83 19.89
N3 AMP D . 16.30 1.51 18.73
C4 AMP D . 17.47 1.63 18.05
C1 EDO E . 14.82 -20.53 -6.60
O1 EDO E . 13.55 -20.95 -6.14
C2 EDO E . 15.13 -19.10 -6.19
O2 EDO E . 14.22 -18.19 -6.84
C1 EDO F . 16.19 6.58 0.78
O1 EDO F . 17.15 5.74 0.14
C2 EDO F . 15.46 5.68 1.72
O2 EDO F . 15.01 6.38 2.88
S SO4 G . -18.27 0.35 -7.26
O1 SO4 G . -18.33 0.63 -5.81
O2 SO4 G . -19.59 0.64 -7.82
O3 SO4 G . -17.34 1.35 -7.78
O4 SO4 G . -17.82 -1.02 -7.59
P AMP H . -19.53 -5.07 -10.45
O1P AMP H . -18.95 -3.69 -10.16
O2P AMP H . -20.84 -5.02 -11.19
O3P AMP H . -19.53 -6.03 -9.33
O5' AMP H . -18.49 -5.70 -11.52
C5' AMP H . -18.33 -5.10 -12.82
C4' AMP H . -17.06 -5.61 -13.47
O4' AMP H . -17.09 -7.04 -13.50
C3' AMP H . -16.89 -5.13 -14.92
O3' AMP H . -15.51 -4.87 -15.22
C2' AMP H . -17.36 -6.31 -15.74
O2' AMP H . -16.79 -6.39 -17.07
C1' AMP H . -16.90 -7.46 -14.85
N9 AMP H . -17.67 -8.66 -15.21
C8 AMP H . -18.96 -8.96 -14.92
N7 AMP H . -19.30 -10.14 -15.48
C5 AMP H . -18.22 -10.60 -16.14
C6 AMP H . -17.90 -11.79 -16.96
N6 AMP H . -18.82 -12.76 -17.17
N1 AMP H . -16.65 -11.87 -17.46
C2 AMP H . -15.72 -10.91 -17.28
N3 AMP H . -15.94 -9.80 -16.55
C4 AMP H . -17.15 -9.61 -15.98
C1 EDO I . -16.35 1.53 -3.61
O1 EDO I . -15.95 1.69 -4.98
C2 EDO I . -17.04 2.75 -3.05
O2 EDO I . -17.94 3.27 -4.00
#